data_6FTM
#
_entry.id   6FTM
#
_cell.length_a   149.052
_cell.length_b   114.730
_cell.length_c   63.800
_cell.angle_alpha   90.00
_cell.angle_beta   109.43
_cell.angle_gamma   90.00
#
_symmetry.space_group_name_H-M   'C 1 2 1'
#
loop_
_entity.id
_entity.type
_entity.pdbx_description
1 polymer Phosphodiesterase
2 non-polymer 'MAGNESIUM ION'
3 non-polymer 'ZINC ION'
4 non-polymer 1,2-ETHANEDIOL
5 non-polymer GUANIDINE
6 non-polymer 'FORMIC ACID'
7 non-polymer 3-{5-[(4aR,8aS)-3-cycloheptyl-4-oxo-3,4,4a,5,8,8a-hexahydrophthalazin-1-yl]-2-methoxyphenyl}prop-2-ynamide
8 water water
#
_entity_poly.entity_id   1
_entity_poly.type   'polypeptide(L)'
_entity_poly.pdbx_seq_one_letter_code
;GSHMASELNEHRATLFNKNVPSRAVKRVTAITKVEREAVLVCELPSFDVTDVEFDLFRARESTDKPLDVAAAIAYRLLLG
SGLPQKFGCSDEVLLNFILQCRKKYRNVPYHNFYHVVDVCQTIHTFLYRGNVYEKLTELECFVLLITALVHDLDHMGLNN
SFYLKTESPLGILSSASGNTSVLEVHHCNLAVEILSDPESDVFDGLEGAERTLAFRSMIDCVLATDMAKHGSALEAFLAS
AADQSSDEAAFHRMTMEIILKAGDISNVTKPFDISRQWAMAVTEEFYRQGDMEKERGVEVLPMFDRSKNMELAKGQIGFI
DFVAAPFFQKIVDACLQGMQWTVDRIKSNRAQWERVLETR
;
_entity_poly.pdbx_strand_id   A,B
#
# COMPACT_ATOMS: atom_id res chain seq x y z
N VAL A 28 -5.56 8.45 9.33
CA VAL A 28 -5.85 7.71 10.61
C VAL A 28 -6.78 8.55 11.56
N THR A 29 -7.74 7.91 12.25
CA THR A 29 -8.56 8.56 13.32
C THR A 29 -7.74 8.99 14.57
N ALA A 30 -8.20 10.03 15.29
CA ALA A 30 -7.52 10.56 16.49
C ALA A 30 -7.49 9.61 17.68
N ILE A 31 -6.35 9.55 18.37
CA ILE A 31 -6.27 8.87 19.67
C ILE A 31 -6.93 9.76 20.74
N THR A 32 -7.79 9.18 21.57
CA THR A 32 -8.53 9.91 22.63
C THR A 32 -7.79 9.95 23.97
N LYS A 33 -8.20 10.93 24.77
CA LYS A 33 -7.71 11.11 26.12
C LYS A 33 -7.88 9.84 26.99
N VAL A 34 -9.03 9.18 26.90
CA VAL A 34 -9.30 7.96 27.67
C VAL A 34 -8.29 6.81 27.32
N GLU A 35 -8.02 6.64 26.04
CA GLU A 35 -7.08 5.62 25.59
C GLU A 35 -5.68 5.88 26.15
N ARG A 36 -5.24 7.12 26.09
CA ARG A 36 -3.96 7.48 26.69
C ARG A 36 -3.94 7.22 28.19
N GLU A 37 -5.03 7.58 28.87
CA GLU A 37 -5.08 7.41 30.36
C GLU A 37 -4.99 5.93 30.80
N ALA A 38 -5.66 5.05 30.06
CA ALA A 38 -5.61 3.62 30.36
C ALA A 38 -4.21 3.02 30.27
N VAL A 39 -3.30 3.62 29.48
CA VAL A 39 -1.89 3.21 29.47
C VAL A 39 -1.11 3.85 30.64
N LEU A 40 -1.34 5.14 30.84
CA LEU A 40 -0.59 5.90 31.83
C LEU A 40 -0.77 5.35 33.27
N VAL A 41 -1.94 4.78 33.59
CA VAL A 41 -2.18 4.17 34.92
C VAL A 41 -1.42 2.87 35.19
N CYS A 42 -0.89 2.21 34.16
CA CYS A 42 -0.17 0.94 34.39
C CYS A 42 1.15 1.17 35.19
N GLU A 43 1.25 0.45 36.30
CA GLU A 43 2.39 0.46 37.19
C GLU A 43 3.06 -0.85 36.90
N LEU A 44 4.39 -0.89 36.87
CA LEU A 44 5.07 -2.16 36.63
C LEU A 44 6.14 -2.34 37.67
N PRO A 45 5.71 -2.29 38.95
CA PRO A 45 6.71 -2.39 40.00
C PRO A 45 7.22 -3.84 39.99
N SER A 46 8.49 -4.02 40.29
CA SER A 46 9.06 -5.37 40.22
C SER A 46 9.40 -5.89 38.80
N PHE A 47 9.16 -5.11 37.73
CA PHE A 47 9.72 -5.42 36.39
C PHE A 47 10.81 -4.43 36.10
N ASP A 48 11.89 -4.85 35.45
CA ASP A 48 12.86 -3.93 34.86
C ASP A 48 12.94 -4.18 33.33
N VAL A 49 12.39 -3.24 32.57
CA VAL A 49 12.25 -3.36 31.13
C VAL A 49 13.56 -3.28 30.37
N THR A 50 14.64 -2.89 31.02
CA THR A 50 15.97 -2.82 30.38
C THR A 50 16.79 -4.11 30.56
N ASP A 51 16.29 -5.03 31.37
CA ASP A 51 17.06 -6.23 31.74
C ASP A 51 16.90 -7.36 30.70
N VAL A 52 17.99 -8.06 30.40
CA VAL A 52 17.93 -9.29 29.55
C VAL A 52 17.00 -10.42 30.04
N GLU A 53 16.68 -10.47 31.33
CA GLU A 53 15.76 -11.48 31.89
C GLU A 53 14.32 -10.98 31.97
N PHE A 54 14.01 -9.78 31.46
CA PHE A 54 12.61 -9.29 31.49
C PHE A 54 11.65 -10.32 30.85
N ASP A 55 10.50 -10.58 31.52
CA ASP A 55 9.53 -11.59 31.09
C ASP A 55 8.17 -10.95 30.68
N LEU A 56 7.97 -10.78 29.35
CA LEU A 56 6.74 -10.18 28.79
C LEU A 56 5.49 -11.01 29.10
N PHE A 57 5.65 -12.35 29.14
CA PHE A 57 4.52 -13.26 29.45
C PHE A 57 3.94 -13.00 30.89
N ARG A 58 4.85 -12.94 31.86
CA ARG A 58 4.52 -12.60 33.23
C ARG A 58 3.93 -11.17 33.33
N ALA A 59 4.53 -10.18 32.66
CA ALA A 59 3.86 -8.85 32.59
C ALA A 59 2.40 -8.92 32.02
N ARG A 60 2.18 -9.61 30.91
CA ARG A 60 0.82 -9.79 30.37
C ARG A 60 -0.16 -10.39 31.36
N GLU A 61 0.29 -11.46 32.03
CA GLU A 61 -0.57 -12.28 32.93
C GLU A 61 -0.92 -11.54 34.21
N SER A 62 -0.17 -10.48 34.54
CA SER A 62 -0.36 -9.78 35.76
C SER A 62 -1.56 -8.82 35.76
N THR A 63 -2.35 -8.73 34.70
CA THR A 63 -3.40 -7.69 34.63
C THR A 63 -4.57 -8.13 33.73
N ASP A 64 -5.74 -7.58 34.07
CA ASP A 64 -6.95 -7.44 33.24
C ASP A 64 -6.71 -7.03 31.79
N LYS A 65 -5.82 -6.07 31.63
CA LYS A 65 -5.62 -5.37 30.36
C LYS A 65 -4.19 -5.51 29.78
N PRO A 66 -3.85 -6.71 29.31
CA PRO A 66 -2.48 -6.99 28.79
C PRO A 66 -2.08 -6.08 27.60
N LEU A 67 -3.02 -5.65 26.75
CA LEU A 67 -2.68 -4.69 25.70
C LEU A 67 -2.28 -3.25 26.22
N ASP A 68 -2.88 -2.82 27.33
CA ASP A 68 -2.45 -1.58 27.98
C ASP A 68 -1.06 -1.74 28.60
N VAL A 69 -0.79 -2.87 29.23
CA VAL A 69 0.54 -3.11 29.83
C VAL A 69 1.67 -3.13 28.77
N ALA A 70 1.42 -3.82 27.65
CA ALA A 70 2.38 -3.87 26.58
C ALA A 70 2.67 -2.48 26.02
N ALA A 71 1.60 -1.67 25.79
CA ALA A 71 1.77 -0.24 25.41
C ALA A 71 2.55 0.54 26.42
N ALA A 72 2.27 0.32 27.71
CA ALA A 72 3.07 1.01 28.76
C ALA A 72 4.55 0.59 28.78
N ILE A 73 4.84 -0.69 28.48
CA ILE A 73 6.26 -1.14 28.39
C ILE A 73 7.05 -0.40 27.28
N ALA A 74 6.42 -0.29 26.12
CA ALA A 74 7.05 0.39 24.98
C ALA A 74 7.25 1.89 25.31
N TYR A 75 6.22 2.51 25.91
CA TYR A 75 6.30 3.94 26.33
C TYR A 75 7.45 4.19 27.30
N ARG A 76 7.57 3.36 28.34
CA ARG A 76 8.58 3.58 29.42
C ARG A 76 9.94 3.28 28.93
N LEU A 77 10.04 2.32 28.03
CA LEU A 77 11.30 2.00 27.41
C LEU A 77 11.83 3.12 26.50
N LEU A 78 10.97 3.64 25.63
CA LEU A 78 11.38 4.76 24.76
C LEU A 78 11.74 6.04 25.57
N LEU A 79 10.87 6.47 26.47
CA LEU A 79 11.20 7.68 27.29
C LEU A 79 12.44 7.52 28.19
N GLY A 80 12.60 6.32 28.76
CA GLY A 80 13.72 5.99 29.61
C GLY A 80 15.01 6.11 28.87
N SER A 81 14.99 5.89 27.56
CA SER A 81 16.18 6.03 26.75
C SER A 81 16.75 7.43 26.59
N GLY A 82 15.92 8.47 26.74
CA GLY A 82 16.38 9.80 26.47
C GLY A 82 16.23 10.23 25.02
N LEU A 83 15.89 9.28 24.10
CA LEU A 83 16.05 9.56 22.65
C LEU A 83 14.93 10.44 22.04
N PRO A 84 13.67 10.18 22.38
CA PRO A 84 12.64 11.04 21.85
C PRO A 84 12.81 12.51 22.30
N GLN A 85 13.13 12.70 23.57
CA GLN A 85 13.46 14.04 24.13
C GLN A 85 14.58 14.71 23.32
N LYS A 86 15.65 13.99 23.03
CA LYS A 86 16.75 14.52 22.21
C LYS A 86 16.28 14.99 20.84
N PHE A 87 15.36 14.24 20.22
CA PHE A 87 14.98 14.47 18.80
C PHE A 87 13.64 15.15 18.60
N GLY A 88 13.13 15.82 19.66
CA GLY A 88 12.01 16.72 19.54
C GLY A 88 10.64 16.01 19.52
N CYS A 89 10.55 14.80 20.10
CA CYS A 89 9.29 14.06 20.10
C CYS A 89 8.70 14.18 21.46
N SER A 90 7.50 14.75 21.57
CA SER A 90 6.93 15.00 22.94
C SER A 90 6.37 13.71 23.49
N ASP A 91 6.16 13.64 24.82
CA ASP A 91 5.53 12.49 25.46
C ASP A 91 4.21 12.07 24.84
N GLU A 92 3.40 13.05 24.46
CA GLU A 92 2.07 12.75 23.96
C GLU A 92 2.06 12.29 22.49
N VAL A 93 2.90 12.86 21.64
CA VAL A 93 3.12 12.36 20.29
C VAL A 93 3.68 10.90 20.36
N LEU A 94 4.61 10.62 21.28
CA LEU A 94 5.17 9.24 21.41
C LEU A 94 4.06 8.19 21.73
N LEU A 95 3.25 8.50 22.75
CA LEU A 95 2.12 7.64 23.13
C LEU A 95 1.10 7.47 22.01
N ASN A 96 0.67 8.57 21.34
CA ASN A 96 -0.28 8.45 20.27
C ASN A 96 0.26 7.47 19.16
N PHE A 97 1.56 7.60 18.85
CA PHE A 97 2.23 6.73 17.88
C PHE A 97 2.15 5.28 18.30
N ILE A 98 2.45 5.02 19.58
CA ILE A 98 2.38 3.65 20.15
C ILE A 98 0.96 3.01 20.00
N LEU A 99 -0.05 3.82 20.27
CA LEU A 99 -1.48 3.38 20.18
C LEU A 99 -2.01 3.29 18.74
N GLN A 100 -1.52 4.11 17.85
CA GLN A 100 -1.84 3.93 16.43
C GLN A 100 -1.21 2.65 15.85
N CYS A 101 0.05 2.32 16.22
CA CYS A 101 0.67 0.99 15.93
C CYS A 101 -0.19 -0.11 16.52
N ARG A 102 -0.57 0.01 17.80
CA ARG A 102 -1.36 -1.08 18.42
C ARG A 102 -2.64 -1.44 17.67
N LYS A 103 -3.38 -0.45 17.25
CA LYS A 103 -4.65 -0.63 16.49
C LYS A 103 -4.51 -1.32 15.14
N LYS A 104 -3.33 -1.26 14.54
CA LYS A 104 -3.11 -1.92 13.27
C LYS A 104 -2.50 -3.36 13.36
N TYR A 105 -2.31 -3.91 14.59
CA TYR A 105 -1.90 -5.33 14.76
C TYR A 105 -3.18 -6.18 14.93
N ARG A 106 -3.17 -7.40 14.44
CA ARG A 106 -4.29 -8.30 14.54
C ARG A 106 -4.20 -9.31 15.67
N ASN A 107 -5.35 -9.93 15.93
CA ASN A 107 -5.51 -11.05 16.83
C ASN A 107 -5.04 -12.35 16.12
N VAL A 108 -3.71 -12.50 16.03
CA VAL A 108 -3.06 -13.66 15.47
C VAL A 108 -2.19 -14.28 16.54
N PRO A 109 -1.84 -15.57 16.38
CA PRO A 109 -1.09 -16.24 17.44
C PRO A 109 0.30 -15.75 17.73
N TYR A 110 1.06 -15.35 16.70
CA TYR A 110 2.48 -14.86 16.92
C TYR A 110 2.76 -13.41 16.45
N HIS A 111 2.41 -13.09 15.21
CA HIS A 111 2.78 -11.76 14.62
C HIS A 111 1.88 -10.64 15.01
N ASN A 112 1.83 -10.40 16.33
CA ASN A 112 0.94 -9.45 16.96
C ASN A 112 1.65 -8.34 17.75
N PHE A 113 0.89 -7.46 18.45
CA PHE A 113 1.53 -6.32 19.14
C PHE A 113 2.57 -6.80 20.18
N TYR A 114 2.34 -7.94 20.81
CA TYR A 114 3.33 -8.51 21.79
C TYR A 114 4.71 -8.85 21.15
N HIS A 115 4.69 -9.47 19.94
CA HIS A 115 5.91 -9.68 19.18
C HIS A 115 6.68 -8.39 18.96
N VAL A 116 6.02 -7.29 18.56
CA VAL A 116 6.78 -6.11 18.22
C VAL A 116 7.30 -5.35 19.44
N VAL A 117 6.54 -5.39 20.53
CA VAL A 117 7.01 -4.80 21.80
C VAL A 117 8.22 -5.60 22.33
N ASP A 118 8.16 -6.93 22.20
CA ASP A 118 9.32 -7.80 22.50
C ASP A 118 10.56 -7.48 21.66
N VAL A 119 10.37 -7.26 20.36
CA VAL A 119 11.49 -6.92 19.45
C VAL A 119 12.13 -5.58 19.88
N CYS A 120 11.29 -4.59 20.21
CA CYS A 120 11.76 -3.26 20.67
C CYS A 120 12.62 -3.37 21.99
N GLN A 121 12.05 -4.00 22.99
CA GLN A 121 12.76 -4.32 24.26
C GLN A 121 14.10 -5.05 24.05
N THR A 122 14.11 -6.00 23.13
CA THR A 122 15.29 -6.82 22.90
C THR A 122 16.37 -6.00 22.24
N ILE A 123 15.98 -5.16 21.25
CA ILE A 123 16.94 -4.28 20.56
C ILE A 123 17.56 -3.27 21.59
N HIS A 124 16.74 -2.77 22.51
CA HIS A 124 17.24 -1.90 23.58
C HIS A 124 18.36 -2.63 24.35
N THR A 125 18.15 -3.91 24.70
CA THR A 125 19.22 -4.70 25.38
C THR A 125 20.49 -4.87 24.54
N PHE A 126 20.33 -5.06 23.24
CA PHE A 126 21.47 -5.17 22.39
C PHE A 126 22.24 -3.84 22.29
N LEU A 127 21.51 -2.71 22.20
CA LEU A 127 22.16 -1.40 22.12
C LEU A 127 22.90 -1.10 23.43
N TYR A 128 22.20 -1.25 24.53
CA TYR A 128 22.66 -0.72 25.80
C TYR A 128 23.25 -1.72 26.82
N ARG A 129 22.93 -3.01 26.72
CA ARG A 129 23.69 -4.03 27.54
C ARG A 129 24.71 -4.71 26.66
N GLY A 130 24.49 -4.81 25.35
CA GLY A 130 25.53 -5.36 24.49
C GLY A 130 26.45 -4.35 23.87
N ASN A 131 26.24 -3.08 24.21
CA ASN A 131 27.09 -1.94 23.76
C ASN A 131 27.18 -1.70 22.25
N VAL A 132 26.15 -2.14 21.53
CA VAL A 132 26.10 -1.87 20.11
C VAL A 132 25.85 -0.36 19.85
N TYR A 133 25.36 0.41 20.82
CA TYR A 133 25.22 1.89 20.66
C TYR A 133 26.57 2.55 20.29
N GLU A 134 27.69 1.92 20.66
CA GLU A 134 29.01 2.38 20.23
C GLU A 134 29.24 2.40 18.76
N LYS A 135 28.49 1.60 18.00
CA LYS A 135 28.71 1.48 16.55
C LYS A 135 27.82 2.42 15.73
N LEU A 136 26.85 3.07 16.37
CA LEU A 136 25.80 3.81 15.71
C LEU A 136 25.65 5.24 16.30
N THR A 137 25.03 6.16 15.55
CA THR A 137 24.68 7.49 16.09
C THR A 137 23.41 7.35 16.94
N GLU A 138 23.21 8.32 17.84
CA GLU A 138 22.01 8.44 18.62
C GLU A 138 20.76 8.47 17.76
N LEU A 139 20.83 9.18 16.62
CA LEU A 139 19.68 9.28 15.71
C LEU A 139 19.33 7.87 15.12
N GLU A 140 20.37 7.11 14.74
CA GLU A 140 20.23 5.68 14.30
C GLU A 140 19.59 4.77 15.40
N CYS A 141 20.00 4.94 16.65
CA CYS A 141 19.41 4.24 17.75
C CYS A 141 17.93 4.60 17.92
N PHE A 142 17.58 5.88 17.79
CA PHE A 142 16.15 6.32 17.94
C PHE A 142 15.33 5.65 16.81
N VAL A 143 15.80 5.78 15.60
CA VAL A 143 15.14 5.17 14.42
C VAL A 143 14.89 3.63 14.58
N LEU A 144 15.90 2.92 15.10
CA LEU A 144 15.82 1.47 15.32
C LEU A 144 14.72 1.12 16.29
N LEU A 145 14.68 1.81 17.42
CA LEU A 145 13.63 1.49 18.39
C LEU A 145 12.25 1.82 17.87
N ILE A 146 12.08 2.91 17.13
CA ILE A 146 10.76 3.24 16.55
C ILE A 146 10.39 2.19 15.49
N THR A 147 11.34 1.85 14.65
CA THR A 147 11.12 0.87 13.55
C THR A 147 10.69 -0.49 14.08
N ALA A 148 11.19 -0.89 15.25
CA ALA A 148 10.75 -2.19 15.79
C ALA A 148 9.25 -2.25 15.97
N LEU A 149 8.62 -1.13 16.33
CA LEU A 149 7.16 -1.10 16.62
C LEU A 149 6.29 -1.12 15.35
N VAL A 150 6.85 -0.70 14.19
CA VAL A 150 6.13 -0.68 12.93
C VAL A 150 6.41 -1.89 12.03
N HIS A 151 7.39 -2.75 12.40
CA HIS A 151 8.01 -3.65 11.43
C HIS A 151 7.12 -4.78 10.89
N ASP A 152 6.03 -5.13 11.58
CA ASP A 152 5.09 -6.14 11.10
C ASP A 152 3.62 -5.68 11.08
N LEU A 153 3.38 -4.39 10.85
CA LEU A 153 2.02 -3.80 10.91
C LEU A 153 1.02 -4.57 10.01
N ASP A 154 -0.12 -4.97 10.60
CA ASP A 154 -1.25 -5.60 9.90
C ASP A 154 -0.88 -6.99 9.34
N HIS A 155 0.10 -7.67 9.97
CA HIS A 155 0.48 -9.08 9.60
C HIS A 155 -0.75 -10.01 9.87
N MET A 156 -1.08 -10.85 8.89
CA MET A 156 -2.22 -11.78 8.90
C MET A 156 -1.85 -13.22 9.26
N GLY A 157 -0.62 -13.48 9.71
CA GLY A 157 -0.16 -14.85 10.04
C GLY A 157 0.15 -15.74 8.84
N LEU A 158 0.39 -15.12 7.68
CA LEU A 158 0.66 -15.82 6.44
C LEU A 158 1.96 -15.21 5.80
N ASN A 159 2.86 -16.05 5.32
CA ASN A 159 4.16 -15.56 4.77
C ASN A 159 4.06 -15.14 3.29
N ASN A 160 5.14 -14.59 2.73
CA ASN A 160 5.11 -14.13 1.32
C ASN A 160 4.77 -15.25 0.31
N SER A 161 5.34 -16.46 0.52
CA SER A 161 4.99 -17.60 -0.32
C SER A 161 3.51 -17.93 -0.37
N PHE A 162 2.76 -17.79 0.73
CA PHE A 162 1.31 -17.98 0.64
C PHE A 162 0.63 -17.15 -0.48
N TYR A 163 0.89 -15.85 -0.44
CA TYR A 163 0.29 -14.89 -1.37
C TYR A 163 0.62 -15.16 -2.85
N LEU A 164 1.86 -15.54 -3.10
CA LEU A 164 2.34 -15.79 -4.42
C LEU A 164 1.81 -17.12 -4.93
N LYS A 165 1.89 -18.20 -4.13
CA LYS A 165 1.40 -19.51 -4.59
C LYS A 165 -0.13 -19.64 -4.79
N THR A 166 -0.93 -18.97 -3.95
CA THR A 166 -2.37 -19.05 -4.06
C THR A 166 -2.99 -18.00 -4.96
N GLU A 167 -2.20 -17.13 -5.58
CA GLU A 167 -2.80 -15.96 -6.27
C GLU A 167 -3.89 -15.15 -5.48
N SER A 168 -3.70 -15.00 -4.16
CA SER A 168 -4.46 -14.03 -3.36
C SER A 168 -4.29 -12.58 -3.96
N PRO A 169 -5.29 -11.71 -3.82
CA PRO A 169 -5.18 -10.39 -4.49
C PRO A 169 -3.86 -9.61 -4.25
N LEU A 170 -3.38 -9.54 -2.98
CA LEU A 170 -2.05 -8.96 -2.70
C LEU A 170 -0.87 -9.65 -3.40
N GLY A 171 -0.94 -10.96 -3.60
CA GLY A 171 0.00 -11.67 -4.48
C GLY A 171 0.02 -11.20 -5.94
N ILE A 172 -1.17 -11.04 -6.48
CA ILE A 172 -1.36 -10.53 -7.85
C ILE A 172 -0.77 -9.12 -7.96
N LEU A 173 -1.02 -8.27 -6.99
CA LEU A 173 -0.46 -6.91 -7.04
C LEU A 173 1.06 -6.88 -6.96
N SER A 174 1.65 -7.81 -6.23
CA SER A 174 3.07 -7.92 -6.08
C SER A 174 3.70 -8.30 -7.37
N SER A 175 3.21 -9.32 -8.02
CA SER A 175 3.79 -9.73 -9.24
C SER A 175 3.62 -8.74 -10.39
N ALA A 176 2.45 -8.11 -10.50
CA ALA A 176 2.18 -7.12 -11.55
C ALA A 176 3.01 -5.92 -11.29
N SER A 177 3.18 -5.62 -10.03
CA SER A 177 3.94 -4.46 -9.59
C SER A 177 5.45 -4.64 -9.66
N GLY A 178 5.93 -5.89 -9.67
CA GLY A 178 7.36 -6.19 -9.60
C GLY A 178 8.07 -6.06 -8.24
N ASN A 179 7.46 -6.48 -7.12
CA ASN A 179 8.23 -6.69 -5.84
C ASN A 179 7.63 -7.81 -5.05
N THR A 180 8.39 -8.91 -4.86
CA THR A 180 7.90 -10.09 -4.12
C THR A 180 7.91 -10.05 -2.54
N SER A 181 8.43 -8.98 -1.91
CA SER A 181 8.30 -8.73 -0.46
C SER A 181 6.93 -8.11 -0.17
N VAL A 182 5.92 -8.95 -0.34
CA VAL A 182 4.49 -8.57 -0.27
C VAL A 182 4.20 -8.02 1.12
N LEU A 183 4.58 -8.77 2.15
CA LEU A 183 4.37 -8.36 3.53
C LEU A 183 5.12 -7.13 3.92
N GLU A 184 6.42 -7.09 3.59
CA GLU A 184 7.30 -6.01 4.08
C GLU A 184 6.94 -4.66 3.41
N VAL A 185 6.56 -4.67 2.12
CA VAL A 185 6.07 -3.44 1.50
C VAL A 185 4.77 -2.94 2.17
N HIS A 186 3.84 -3.85 2.45
CA HIS A 186 2.60 -3.50 3.17
C HIS A 186 2.88 -2.85 4.56
N HIS A 187 3.82 -3.41 5.34
CA HIS A 187 4.16 -2.86 6.66
C HIS A 187 4.70 -1.43 6.48
N CYS A 188 5.56 -1.22 5.47
CA CYS A 188 6.07 0.11 5.20
C CYS A 188 4.96 1.13 4.82
N ASN A 189 4.06 0.74 3.90
CA ASN A 189 2.89 1.62 3.55
C ASN A 189 2.16 2.09 4.84
N LEU A 190 1.92 1.18 5.80
CA LEU A 190 1.15 1.56 6.98
C LEU A 190 1.98 2.39 7.96
N ALA A 191 3.29 2.19 7.99
CA ALA A 191 4.11 3.05 8.83
C ALA A 191 4.02 4.54 8.34
N VAL A 192 4.08 4.71 7.04
CA VAL A 192 4.02 6.02 6.44
C VAL A 192 2.69 6.69 6.69
N GLU A 193 1.62 5.91 6.59
CA GLU A 193 0.29 6.38 6.95
C GLU A 193 0.22 6.92 8.38
N ILE A 194 0.75 6.19 9.36
CA ILE A 194 0.73 6.63 10.78
C ILE A 194 1.52 7.94 10.99
N LEU A 195 2.69 8.01 10.40
CA LEU A 195 3.57 9.14 10.58
C LEU A 195 3.11 10.41 9.77
N SER A 196 2.13 10.25 8.88
CA SER A 196 1.59 11.38 8.15
C SER A 196 0.63 12.23 8.98
N ASP A 197 0.12 11.72 10.11
CA ASP A 197 -0.68 12.49 11.05
C ASP A 197 0.25 13.23 12.04
N PRO A 198 0.17 14.60 12.08
CA PRO A 198 1.10 15.35 12.95
C PRO A 198 1.04 14.93 14.40
N GLU A 199 -0.10 14.38 14.83
CA GLU A 199 -0.29 14.00 16.24
C GLU A 199 0.46 12.71 16.63
N SER A 200 0.89 11.92 15.63
CA SER A 200 1.63 10.68 15.81
C SER A 200 2.96 10.60 15.01
N ASP A 201 3.46 11.77 14.54
CA ASP A 201 4.74 11.85 13.80
C ASP A 201 5.93 12.05 14.75
N VAL A 202 6.50 10.94 15.16
CA VAL A 202 7.63 10.96 16.02
C VAL A 202 8.89 11.54 15.35
N PHE A 203 8.87 11.73 14.02
CA PHE A 203 10.01 12.32 13.32
C PHE A 203 9.81 13.82 12.94
N ASP A 204 8.79 14.44 13.52
CA ASP A 204 8.36 15.79 13.15
C ASP A 204 9.37 16.81 13.70
N GLY A 205 10.18 16.46 14.70
CA GLY A 205 11.21 17.38 15.21
C GLY A 205 12.50 17.34 14.45
N LEU A 206 12.63 16.47 13.45
CA LEU A 206 13.86 16.39 12.70
C LEU A 206 13.79 17.39 11.52
N GLU A 207 14.95 17.90 11.11
CA GLU A 207 15.04 18.85 10.01
C GLU A 207 15.57 18.22 8.74
N GLY A 208 14.98 18.63 7.63
CA GLY A 208 15.55 18.42 6.29
C GLY A 208 16.08 17.04 5.99
N ALA A 209 17.40 16.96 5.84
CA ALA A 209 18.15 15.77 5.56
C ALA A 209 18.06 14.65 6.59
N GLU A 210 18.01 15.03 7.86
CA GLU A 210 17.82 14.09 8.97
C GLU A 210 16.46 13.39 8.89
N ARG A 211 15.45 14.16 8.54
CA ARG A 211 14.11 13.61 8.41
C ARG A 211 14.07 12.60 7.26
N THR A 212 14.78 12.91 6.18
CA THR A 212 14.91 12.04 5.04
C THR A 212 15.70 10.78 5.41
N LEU A 213 16.82 10.91 6.12
CA LEU A 213 17.59 9.76 6.58
C LEU A 213 16.69 8.82 7.38
N ALA A 214 15.93 9.37 8.33
CA ALA A 214 15.05 8.61 9.16
C ALA A 214 14.05 7.76 8.37
N PHE A 215 13.31 8.37 7.45
CA PHE A 215 12.38 7.60 6.58
C PHE A 215 13.08 6.52 5.74
N ARG A 216 14.22 6.83 5.13
CA ARG A 216 14.98 5.87 4.34
C ARG A 216 15.50 4.69 5.13
N SER A 217 15.99 4.96 6.32
CA SER A 217 16.53 3.97 7.23
C SER A 217 15.43 3.05 7.69
N MET A 218 14.33 3.62 8.14
CA MET A 218 13.20 2.85 8.60
C MET A 218 12.74 1.86 7.53
N ILE A 219 12.49 2.36 6.34
CA ILE A 219 12.05 1.56 5.22
C ILE A 219 13.05 0.46 4.82
N ASP A 220 14.31 0.83 4.73
CA ASP A 220 15.37 -0.10 4.38
C ASP A 220 15.45 -1.23 5.43
N CYS A 221 15.31 -0.90 6.70
CA CYS A 221 15.38 -1.91 7.71
C CYS A 221 14.19 -2.88 7.65
N VAL A 222 12.97 -2.38 7.44
CA VAL A 222 11.77 -3.20 7.32
C VAL A 222 11.87 -4.16 6.11
N LEU A 223 12.35 -3.67 4.99
CA LEU A 223 12.53 -4.49 3.80
C LEU A 223 13.55 -5.61 4.03
N ALA A 224 14.58 -5.32 4.80
CA ALA A 224 15.58 -6.29 5.20
C ALA A 224 15.08 -7.41 6.12
N THR A 225 13.87 -7.32 6.67
CA THR A 225 13.35 -8.37 7.53
C THR A 225 12.74 -9.58 6.77
N ASP A 226 12.62 -9.49 5.47
CA ASP A 226 12.08 -10.58 4.63
C ASP A 226 13.13 -11.68 4.61
N MET A 227 12.79 -12.86 5.11
CA MET A 227 13.80 -13.93 5.20
C MET A 227 14.37 -14.42 3.86
N ALA A 228 13.71 -14.15 2.74
CA ALA A 228 14.37 -14.38 1.43
C ALA A 228 15.71 -13.60 1.22
N LYS A 229 15.90 -12.47 1.96
CA LYS A 229 17.14 -11.67 1.89
C LYS A 229 18.11 -11.93 3.02
N HIS A 230 17.84 -12.95 3.84
CA HIS A 230 18.64 -13.22 5.02
C HIS A 230 20.15 -13.37 4.69
N GLY A 231 20.48 -14.17 3.68
CA GLY A 231 21.83 -14.48 3.25
C GLY A 231 22.53 -13.29 2.66
N SER A 232 21.82 -12.57 1.78
CA SER A 232 22.34 -11.30 1.21
C SER A 232 22.65 -10.26 2.31
N ALA A 233 21.73 -10.10 3.26
CA ALA A 233 21.94 -9.13 4.37
C ALA A 233 23.16 -9.49 5.16
N LEU A 234 23.25 -10.75 5.56
CA LEU A 234 24.41 -11.19 6.34
C LEU A 234 25.75 -11.03 5.57
N GLU A 235 25.82 -11.37 4.26
CA GLU A 235 27.07 -11.16 3.49
C GLU A 235 27.44 -9.65 3.46
N ALA A 236 26.47 -8.78 3.14
CA ALA A 236 26.73 -7.32 3.06
C ALA A 236 27.23 -6.77 4.40
N PHE A 237 26.63 -7.21 5.50
CA PHE A 237 27.12 -6.81 6.84
C PHE A 237 28.57 -7.23 7.11
N LEU A 238 28.86 -8.51 6.90
CA LEU A 238 30.21 -9.03 7.16
C LEU A 238 31.25 -8.35 6.22
N ALA A 239 30.91 -8.06 4.99
CA ALA A 239 31.82 -7.31 4.09
C ALA A 239 32.10 -5.89 4.61
N SER A 240 31.03 -5.16 4.96
CA SER A 240 31.18 -3.79 5.48
C SER A 240 31.91 -3.76 6.82
N ALA A 241 31.79 -4.80 7.65
CA ALA A 241 32.52 -4.85 8.95
C ALA A 241 34.01 -5.12 8.81
N ALA A 242 34.40 -5.77 7.72
CA ALA A 242 35.80 -6.12 7.45
C ALA A 242 36.67 -4.87 7.15
N ASP A 243 36.04 -3.82 6.62
CA ASP A 243 36.57 -2.44 6.62
C ASP A 243 36.03 -1.57 7.79
N GLN A 244 34.77 -1.11 7.66
CA GLN A 244 34.18 0.05 8.38
C GLN A 244 34.75 1.34 7.80
N SER A 245 36.08 1.50 7.89
CA SER A 245 36.87 2.65 7.33
C SER A 245 36.59 3.09 5.87
N SER A 246 36.67 2.15 4.96
CA SER A 246 36.49 2.44 3.55
C SER A 246 35.13 3.10 3.23
N ASP A 247 34.05 2.64 3.89
CA ASP A 247 32.68 3.14 3.67
C ASP A 247 31.89 3.10 4.99
N GLU A 248 32.00 4.19 5.75
CA GLU A 248 31.47 4.27 7.08
C GLU A 248 29.92 4.26 7.00
N ALA A 249 29.36 4.95 6.03
CA ALA A 249 27.91 4.99 5.83
C ALA A 249 27.31 3.62 5.53
N ALA A 250 27.95 2.82 4.69
CA ALA A 250 27.42 1.49 4.38
C ALA A 250 27.47 0.56 5.65
N PHE A 251 28.47 0.72 6.51
CA PHE A 251 28.59 -0.04 7.73
C PHE A 251 27.48 0.32 8.74
N HIS A 252 27.18 1.62 8.85
CA HIS A 252 26.08 2.08 9.74
C HIS A 252 24.72 1.50 9.24
N ARG A 253 24.48 1.63 7.96
CA ARG A 253 23.27 1.14 7.37
C ARG A 253 23.10 -0.35 7.59
N MET A 254 24.13 -1.14 7.32
CA MET A 254 24.08 -2.58 7.48
C MET A 254 23.98 -3.01 8.94
N THR A 255 24.61 -2.28 9.85
CA THR A 255 24.48 -2.56 11.27
C THR A 255 23.00 -2.39 11.73
N MET A 256 22.32 -1.36 11.21
CA MET A 256 20.93 -1.15 11.54
C MET A 256 20.10 -2.35 11.02
N GLU A 257 20.28 -2.73 9.79
CA GLU A 257 19.58 -3.83 9.26
C GLU A 257 19.81 -5.11 10.07
N ILE A 258 21.06 -5.36 10.43
CA ILE A 258 21.41 -6.65 11.08
C ILE A 258 20.87 -6.72 12.52
N ILE A 259 20.83 -5.56 13.19
CA ILE A 259 20.24 -5.50 14.54
C ILE A 259 18.71 -5.64 14.53
N LEU A 260 18.00 -5.06 13.57
CA LEU A 260 16.54 -5.35 13.50
C LEU A 260 16.29 -6.84 13.24
N LYS A 261 17.07 -7.41 12.33
CA LYS A 261 16.99 -8.84 12.03
C LYS A 261 17.28 -9.69 13.26
N ALA A 262 18.28 -9.31 14.05
CA ALA A 262 18.64 -10.06 15.28
C ALA A 262 17.53 -9.98 16.34
N GLY A 263 16.99 -8.80 16.57
CA GLY A 263 15.78 -8.71 17.43
C GLY A 263 14.64 -9.60 16.94
N ASP A 264 14.42 -9.58 15.63
CA ASP A 264 13.34 -10.35 15.00
C ASP A 264 13.42 -11.85 15.22
N ILE A 265 14.63 -12.42 15.22
CA ILE A 265 14.79 -13.87 15.52
C ILE A 265 15.46 -14.15 16.90
N SER A 266 15.23 -13.27 17.87
CA SER A 266 15.85 -13.35 19.20
C SER A 266 15.17 -14.30 20.22
N ASN A 267 14.07 -14.97 19.88
CA ASN A 267 13.31 -15.75 20.84
C ASN A 267 14.23 -16.87 21.46
N VAL A 268 15.16 -17.39 20.66
CA VAL A 268 16.03 -18.45 21.10
C VAL A 268 17.19 -17.99 21.99
N THR A 269 17.35 -16.68 22.17
CA THR A 269 18.35 -16.11 23.08
C THR A 269 17.83 -15.84 24.48
N LYS A 270 16.56 -16.17 24.74
CA LYS A 270 15.89 -15.87 26.05
C LYS A 270 15.86 -17.08 27.04
N PRO A 271 15.58 -16.85 28.35
CA PRO A 271 15.32 -17.97 29.31
C PRO A 271 14.38 -18.98 28.73
N PHE A 272 14.70 -20.26 28.98
CA PHE A 272 14.07 -21.40 28.32
C PHE A 272 12.58 -21.33 28.30
N ASP A 273 11.96 -21.06 29.42
CA ASP A 273 10.50 -21.08 29.48
C ASP A 273 9.83 -19.95 28.62
N ILE A 274 10.46 -18.77 28.59
CA ILE A 274 10.07 -17.70 27.64
C ILE A 274 10.23 -18.16 26.15
N SER A 275 11.38 -18.75 25.86
CA SER A 275 11.69 -19.22 24.50
C SER A 275 10.66 -20.21 23.99
N ARG A 276 10.34 -21.16 24.87
CA ARG A 276 9.36 -22.19 24.59
C ARG A 276 7.94 -21.67 24.28
N GLN A 277 7.50 -20.68 25.02
CA GLN A 277 6.17 -20.04 24.73
C GLN A 277 6.16 -19.36 23.38
N TRP A 278 7.25 -18.68 23.03
CA TRP A 278 7.35 -18.09 21.69
C TRP A 278 7.26 -19.21 20.62
N ALA A 279 8.00 -20.30 20.84
CA ALA A 279 8.00 -21.38 19.85
C ALA A 279 6.60 -22.00 19.59
N MET A 280 5.80 -22.19 20.66
CA MET A 280 4.42 -22.72 20.56
C MET A 280 3.56 -21.84 19.69
N ALA A 281 3.66 -20.53 19.91
CA ALA A 281 2.88 -19.57 19.13
C ALA A 281 3.29 -19.52 17.59
N VAL A 282 4.59 -19.47 17.29
CA VAL A 282 5.03 -19.41 15.86
C VAL A 282 4.64 -20.68 15.08
N THR A 283 4.80 -21.80 15.74
CA THR A 283 4.49 -23.13 15.24
C THR A 283 2.99 -23.25 14.87
N GLU A 284 2.13 -22.73 15.73
CA GLU A 284 0.71 -22.65 15.38
C GLU A 284 0.40 -21.83 14.13
N GLU A 285 1.05 -20.70 13.93
CA GLU A 285 0.84 -19.92 12.68
C GLU A 285 1.31 -20.68 11.45
N PHE A 286 2.43 -21.40 11.55
CA PHE A 286 2.85 -22.32 10.47
C PHE A 286 1.75 -23.34 10.08
N TYR A 287 1.19 -24.01 11.07
CA TYR A 287 0.13 -24.99 10.84
C TYR A 287 -1.10 -24.42 10.19
N ARG A 288 -1.52 -23.25 10.68
CA ARG A 288 -2.67 -22.56 10.09
C ARG A 288 -2.46 -22.16 8.62
N GLN A 289 -1.26 -21.72 8.27
CA GLN A 289 -0.97 -21.44 6.88
C GLN A 289 -1.08 -22.69 6.07
N GLY A 290 -0.50 -23.78 6.58
CA GLY A 290 -0.59 -25.04 5.88
C GLY A 290 -2.03 -25.55 5.63
N ASP A 291 -2.90 -25.43 6.65
CA ASP A 291 -4.35 -25.79 6.51
C ASP A 291 -4.96 -24.96 5.39
N MET A 292 -4.69 -23.66 5.39
CA MET A 292 -5.16 -22.75 4.36
C MET A 292 -4.65 -23.04 2.91
N GLU A 293 -3.39 -23.45 2.74
CA GLU A 293 -2.89 -23.81 1.43
C GLU A 293 -3.54 -25.09 0.93
N LYS A 294 -3.68 -26.08 1.82
CA LYS A 294 -4.32 -27.34 1.45
C LYS A 294 -5.77 -27.08 0.95
N GLU A 295 -6.49 -26.24 1.66
CA GLU A 295 -7.82 -25.88 1.32
C GLU A 295 -7.84 -25.33 -0.08
N ARG A 296 -6.84 -24.54 -0.40
CA ARG A 296 -6.72 -23.91 -1.69
C ARG A 296 -6.11 -24.74 -2.83
N GLY A 297 -5.90 -26.03 -2.62
CA GLY A 297 -5.34 -26.90 -3.63
C GLY A 297 -3.84 -26.91 -3.85
N VAL A 298 -3.12 -26.33 -2.91
CA VAL A 298 -1.68 -26.18 -2.99
C VAL A 298 -1.05 -27.21 -2.08
N GLU A 299 0.03 -27.81 -2.54
CA GLU A 299 0.67 -28.91 -1.83
C GLU A 299 1.63 -28.26 -0.89
N VAL A 300 1.65 -28.71 0.36
CA VAL A 300 2.29 -28.02 1.50
C VAL A 300 3.61 -28.68 1.89
N LEU A 301 4.63 -27.88 2.17
CA LEU A 301 5.87 -28.38 2.80
C LEU A 301 5.62 -28.88 4.23
N PRO A 302 6.29 -29.97 4.65
CA PRO A 302 5.91 -30.67 5.85
C PRO A 302 6.07 -29.95 7.18
N MET A 303 6.99 -28.99 7.24
CA MET A 303 7.07 -28.14 8.40
C MET A 303 5.75 -27.35 8.72
N PHE A 304 4.93 -27.08 7.69
CA PHE A 304 3.65 -26.35 7.80
C PHE A 304 2.42 -27.30 7.96
N ASP A 305 2.69 -28.59 8.15
CA ASP A 305 1.67 -29.63 8.07
C ASP A 305 1.44 -30.32 9.41
N ARG A 306 0.31 -29.99 10.05
CA ARG A 306 -0.08 -30.64 11.36
C ARG A 306 0.03 -32.14 11.38
N SER A 307 -0.23 -32.76 10.26
CA SER A 307 -0.14 -34.19 10.10
C SER A 307 1.25 -34.79 10.13
N LYS A 308 2.29 -34.00 9.94
CA LYS A 308 3.62 -34.55 9.87
C LYS A 308 4.54 -34.24 11.02
N ASN A 309 4.03 -33.73 12.11
CA ASN A 309 4.85 -33.34 13.26
C ASN A 309 4.22 -33.74 14.62
N MET A 310 5.03 -33.96 15.64
CA MET A 310 4.55 -34.32 16.99
C MET A 310 5.09 -33.25 17.91
N GLU A 311 6.35 -33.34 18.29
CA GLU A 311 6.91 -32.44 19.29
C GLU A 311 7.66 -31.26 18.70
N LEU A 312 7.74 -30.23 19.53
CA LEU A 312 8.40 -28.98 19.31
C LEU A 312 9.91 -29.08 19.28
N ALA A 313 10.50 -29.95 20.06
CA ALA A 313 11.95 -30.02 20.16
C ALA A 313 12.80 -30.07 18.89
N LYS A 314 12.49 -30.97 17.98
CA LYS A 314 13.26 -31.12 16.76
C LYS A 314 13.23 -29.87 15.85
N GLY A 315 12.11 -29.16 15.85
CA GLY A 315 11.93 -27.94 15.09
C GLY A 315 12.78 -26.81 15.62
N GLN A 316 12.83 -26.68 16.92
CA GLN A 316 13.64 -25.65 17.56
C GLN A 316 15.14 -25.94 17.40
N ILE A 317 15.54 -27.22 17.49
CA ILE A 317 16.94 -27.60 17.28
C ILE A 317 17.36 -27.30 15.84
N GLY A 318 16.47 -27.61 14.88
CA GLY A 318 16.70 -27.27 13.46
C GLY A 318 16.83 -25.75 13.20
N PHE A 319 15.93 -24.98 13.77
CA PHE A 319 15.98 -23.49 13.63
C PHE A 319 17.30 -22.96 14.21
N ILE A 320 17.68 -23.42 15.39
CA ILE A 320 18.98 -23.06 15.99
C ILE A 320 20.17 -23.47 15.12
N ASP A 321 20.26 -24.73 14.69
CA ASP A 321 21.45 -25.21 13.91
C ASP A 321 21.63 -24.61 12.53
N PHE A 322 20.51 -24.42 11.84
CA PHE A 322 20.52 -23.99 10.43
C PHE A 322 20.27 -22.49 10.19
N VAL A 323 19.74 -21.75 11.15
CA VAL A 323 19.52 -20.32 11.02
C VAL A 323 20.14 -19.50 12.14
N ALA A 324 19.69 -19.65 13.37
CA ALA A 324 20.02 -18.70 14.42
C ALA A 324 21.44 -18.79 15.01
N ALA A 325 21.93 -19.99 15.30
CA ALA A 325 23.31 -20.11 15.92
C ALA A 325 24.41 -19.60 15.00
N PRO A 326 24.41 -19.98 13.70
CA PRO A 326 25.41 -19.38 12.81
C PRO A 326 25.27 -17.85 12.62
N PHE A 327 24.03 -17.39 12.51
CA PHE A 327 23.78 -15.92 12.41
C PHE A 327 24.35 -15.14 13.62
N PHE A 328 23.95 -15.48 14.83
CA PHE A 328 24.47 -14.74 16.00
C PHE A 328 26.01 -14.91 16.21
N GLN A 329 26.57 -16.09 15.96
CA GLN A 329 28.00 -16.29 16.23
C GLN A 329 28.81 -15.47 15.20
N LYS A 330 28.34 -15.42 13.95
CA LYS A 330 29.04 -14.65 12.96
C LYS A 330 29.04 -13.12 13.19
N ILE A 331 27.91 -12.58 13.65
CA ILE A 331 27.82 -11.16 13.87
C ILE A 331 28.63 -10.76 15.09
N VAL A 332 28.62 -11.61 16.09
CA VAL A 332 29.43 -11.40 17.30
C VAL A 332 30.96 -11.42 17.00
N ASP A 333 31.42 -12.46 16.33
CA ASP A 333 32.83 -12.58 15.97
C ASP A 333 33.33 -11.47 15.06
N ALA A 334 32.50 -11.02 14.12
CA ALA A 334 32.92 -9.99 13.16
C ALA A 334 33.02 -8.58 13.78
N CYS A 335 32.18 -8.23 14.75
CA CYS A 335 32.41 -7.01 15.57
C CYS A 335 31.50 -6.79 16.74
N LEU A 336 30.41 -7.54 16.94
CA LEU A 336 29.50 -7.27 18.04
C LEU A 336 29.81 -8.12 19.26
N GLN A 337 31.03 -7.93 19.77
CA GLN A 337 31.61 -8.79 20.85
C GLN A 337 30.82 -8.69 22.15
N GLY A 338 30.24 -7.52 22.43
CA GLY A 338 29.41 -7.36 23.66
C GLY A 338 28.10 -8.14 23.60
N MET A 339 27.77 -8.74 22.46
CA MET A 339 26.54 -9.57 22.37
C MET A 339 26.79 -11.09 22.59
N GLN A 340 27.96 -11.44 23.15
CA GLN A 340 28.32 -12.83 23.41
C GLN A 340 27.27 -13.63 24.16
N TRP A 341 26.60 -13.05 25.17
CA TRP A 341 25.59 -13.78 25.88
C TRP A 341 24.48 -14.42 24.97
N THR A 342 24.19 -13.83 23.82
CA THR A 342 23.19 -14.44 22.93
C THR A 342 23.56 -15.84 22.49
N VAL A 343 24.81 -16.01 22.07
CA VAL A 343 25.36 -17.29 21.68
C VAL A 343 25.31 -18.31 22.83
N ASP A 344 25.70 -17.89 24.03
CA ASP A 344 25.74 -18.77 25.18
C ASP A 344 24.34 -19.23 25.52
N ARG A 345 23.37 -18.31 25.48
CA ARG A 345 22.02 -18.72 25.80
C ARG A 345 21.41 -19.61 24.68
N ILE A 346 21.71 -19.34 23.41
CA ILE A 346 21.26 -20.25 22.30
C ILE A 346 21.76 -21.70 22.57
N LYS A 347 23.04 -21.83 22.90
CA LYS A 347 23.64 -23.16 23.18
C LYS A 347 23.00 -23.88 24.36
N SER A 348 22.71 -23.13 25.38
CA SER A 348 22.05 -23.62 26.53
C SER A 348 20.61 -24.04 26.22
N ASN A 349 19.84 -23.26 25.45
CA ASN A 349 18.46 -23.66 25.11
C ASN A 349 18.44 -24.94 24.23
N ARG A 350 19.38 -25.03 23.30
CA ARG A 350 19.52 -26.15 22.42
C ARG A 350 19.80 -27.45 23.21
N ALA A 351 20.74 -27.42 24.17
CA ALA A 351 21.01 -28.59 25.07
C ALA A 351 19.76 -29.04 25.81
N GLN A 352 18.95 -28.06 26.24
CA GLN A 352 17.68 -28.37 26.89
C GLN A 352 16.68 -29.10 25.94
N TRP A 353 16.55 -28.64 24.70
CA TRP A 353 15.71 -29.33 23.76
C TRP A 353 16.27 -30.73 23.43
N GLU A 354 17.58 -30.81 23.34
CA GLU A 354 18.25 -32.09 23.11
C GLU A 354 17.93 -33.14 24.19
N ARG A 355 17.93 -32.69 25.44
CA ARG A 355 17.53 -33.55 26.56
C ARG A 355 16.11 -34.00 26.46
N VAL A 356 15.22 -33.10 26.04
CA VAL A 356 13.83 -33.47 25.82
C VAL A 356 13.76 -34.64 24.81
N LEU A 357 14.50 -34.55 23.71
CA LEU A 357 14.51 -35.57 22.67
C LEU A 357 15.06 -36.91 23.15
N GLU A 358 16.25 -36.90 23.74
CA GLU A 358 16.91 -38.16 24.08
C GLU A 358 16.43 -38.82 25.36
N THR A 359 15.44 -38.21 26.03
CA THR A 359 14.74 -38.83 27.14
C THR A 359 13.24 -38.67 26.88
N ARG A 360 12.80 -39.01 25.67
CA ARG A 360 11.38 -38.85 25.27
C ARG A 360 10.52 -39.85 26.03
N VAL B 28 -12.84 2.77 8.38
CA VAL B 28 -13.28 1.53 7.64
C VAL B 28 -14.77 1.13 7.94
N THR B 29 -15.65 2.09 8.21
CA THR B 29 -17.07 1.80 8.55
C THR B 29 -17.90 1.17 7.40
N ALA B 30 -18.72 0.20 7.79
CA ALA B 30 -19.77 -0.38 6.95
C ALA B 30 -20.78 0.66 6.48
N ILE B 31 -21.32 0.45 5.28
CA ILE B 31 -22.29 1.40 4.71
C ILE B 31 -23.68 1.18 5.34
N THR B 32 -24.35 2.27 5.74
CA THR B 32 -25.65 2.22 6.44
C THR B 32 -26.85 2.27 5.49
N LYS B 33 -28.05 1.99 6.00
CA LYS B 33 -29.32 2.09 5.21
C LYS B 33 -29.65 3.52 4.76
N VAL B 34 -29.37 4.48 5.63
CA VAL B 34 -29.66 5.88 5.37
C VAL B 34 -28.79 6.38 4.21
N GLU B 35 -27.51 5.99 4.20
CA GLU B 35 -26.61 6.24 3.08
C GLU B 35 -27.13 5.67 1.77
N ARG B 36 -27.58 4.41 1.73
CA ARG B 36 -28.14 3.84 0.48
C ARG B 36 -29.43 4.52 -0.05
N GLU B 37 -30.31 4.91 0.89
CA GLU B 37 -31.62 5.48 0.53
C GLU B 37 -31.48 6.88 -0.11
N ALA B 38 -30.53 7.68 0.37
CA ALA B 38 -30.21 8.99 -0.22
C ALA B 38 -29.77 8.87 -1.70
N VAL B 39 -29.15 7.74 -2.08
CA VAL B 39 -28.83 7.47 -3.50
C VAL B 39 -30.02 6.95 -4.25
N LEU B 40 -30.72 6.02 -3.60
CA LEU B 40 -31.86 5.34 -4.25
C LEU B 40 -33.00 6.33 -4.60
N VAL B 41 -33.21 7.37 -3.80
CA VAL B 41 -34.30 8.34 -4.09
C VAL B 41 -34.07 9.16 -5.36
N CYS B 42 -32.81 9.40 -5.73
CA CYS B 42 -32.44 10.30 -6.84
C CYS B 42 -33.05 9.86 -8.17
N GLU B 43 -33.72 10.79 -8.85
CA GLU B 43 -34.53 10.46 -10.04
C GLU B 43 -33.84 10.56 -11.42
N LEU B 44 -33.05 11.60 -11.63
CA LEU B 44 -32.35 11.81 -12.91
C LEU B 44 -33.28 11.98 -14.12
N PRO B 45 -34.39 12.71 -13.92
CA PRO B 45 -35.32 12.84 -15.03
C PRO B 45 -34.79 13.90 -16.01
N SER B 46 -35.01 13.67 -17.30
CA SER B 46 -34.43 14.53 -18.36
C SER B 46 -33.03 14.06 -18.90
N PHE B 47 -32.24 13.34 -18.09
CA PHE B 47 -30.89 12.88 -18.50
C PHE B 47 -30.94 11.47 -19.07
N ASP B 48 -30.14 11.18 -20.11
CA ASP B 48 -29.90 9.79 -20.56
C ASP B 48 -28.41 9.52 -20.30
N VAL B 49 -28.14 8.73 -19.26
CA VAL B 49 -26.76 8.42 -18.84
C VAL B 49 -25.94 7.57 -19.84
N THR B 50 -26.60 7.04 -20.89
CA THR B 50 -25.93 6.21 -21.93
C THR B 50 -25.52 7.02 -23.14
N ASP B 51 -25.86 8.30 -23.15
CA ASP B 51 -25.65 9.15 -24.32
C ASP B 51 -24.26 9.84 -24.33
N VAL B 52 -23.67 9.92 -25.53
CA VAL B 52 -22.39 10.58 -25.72
C VAL B 52 -22.38 12.07 -25.36
N GLU B 53 -23.56 12.69 -25.35
CA GLU B 53 -23.69 14.09 -24.95
C GLU B 53 -24.21 14.34 -23.55
N PHE B 54 -24.35 13.28 -22.75
CA PHE B 54 -24.62 13.41 -21.29
C PHE B 54 -23.71 14.45 -20.62
N ASP B 55 -24.32 15.35 -19.85
CA ASP B 55 -23.64 16.48 -19.22
C ASP B 55 -23.64 16.28 -17.69
N LEU B 56 -22.50 15.77 -17.18
CA LEU B 56 -22.35 15.54 -15.72
C LEU B 56 -22.35 16.86 -14.93
N PHE B 57 -21.83 17.94 -15.48
CA PHE B 57 -21.82 19.24 -14.80
C PHE B 57 -23.26 19.76 -14.54
N ARG B 58 -24.11 19.61 -15.54
CA ARG B 58 -25.54 19.96 -15.40
C ARG B 58 -26.26 19.07 -14.35
N ALA B 59 -25.92 17.77 -14.31
CA ALA B 59 -26.52 16.86 -13.32
C ALA B 59 -26.11 17.18 -11.89
N ARG B 60 -24.86 17.60 -11.66
CA ARG B 60 -24.40 18.15 -10.39
C ARG B 60 -25.17 19.40 -9.95
N GLU B 61 -25.36 20.31 -10.88
CA GLU B 61 -26.13 21.53 -10.72
C GLU B 61 -27.61 21.30 -10.36
N SER B 62 -28.23 20.21 -10.76
CA SER B 62 -29.67 20.10 -10.67
C SER B 62 -30.25 19.73 -9.28
N THR B 63 -29.44 19.71 -8.22
CA THR B 63 -29.81 19.15 -6.90
C THR B 63 -28.83 19.77 -5.93
N ASP B 64 -29.19 19.90 -4.66
CA ASP B 64 -28.19 20.33 -3.64
C ASP B 64 -27.41 19.15 -3.01
N LYS B 65 -27.54 17.96 -3.59
CA LYS B 65 -26.85 16.75 -3.11
C LYS B 65 -26.10 16.05 -4.29
N PRO B 66 -25.12 16.76 -4.86
CA PRO B 66 -24.45 16.29 -6.10
C PRO B 66 -23.68 14.95 -5.95
N LEU B 67 -23.14 14.71 -4.75
CA LEU B 67 -22.51 13.42 -4.43
C LEU B 67 -23.42 12.21 -4.48
N ASP B 68 -24.69 12.40 -4.09
CA ASP B 68 -25.71 11.35 -4.21
C ASP B 68 -26.13 11.07 -5.63
N VAL B 69 -26.36 12.13 -6.39
CA VAL B 69 -26.66 12.06 -7.82
C VAL B 69 -25.53 11.37 -8.62
N ALA B 70 -24.29 11.71 -8.32
CA ALA B 70 -23.13 11.08 -8.97
C ALA B 70 -23.11 9.57 -8.71
N ALA B 71 -23.39 9.17 -7.45
CA ALA B 71 -23.45 7.74 -7.09
C ALA B 71 -24.60 7.02 -7.76
N ALA B 72 -25.74 7.69 -7.89
CA ALA B 72 -26.92 7.13 -8.59
C ALA B 72 -26.66 6.95 -10.10
N ILE B 73 -25.94 7.89 -10.70
CA ILE B 73 -25.50 7.72 -12.11
C ILE B 73 -24.71 6.41 -12.30
N ALA B 74 -23.68 6.19 -11.47
CA ALA B 74 -22.90 4.92 -11.54
C ALA B 74 -23.77 3.65 -11.27
N TYR B 75 -24.64 3.72 -10.27
CA TYR B 75 -25.56 2.59 -9.93
C TYR B 75 -26.51 2.23 -11.06
N ARG B 76 -27.18 3.24 -11.62
CA ARG B 76 -28.11 3.00 -12.72
C ARG B 76 -27.43 2.52 -13.98
N LEU B 77 -26.29 3.08 -14.28
CA LEU B 77 -25.49 2.59 -15.41
C LEU B 77 -25.12 1.09 -15.30
N LEU B 78 -24.51 0.71 -14.17
CA LEU B 78 -24.11 -0.68 -13.94
C LEU B 78 -25.33 -1.66 -13.91
N LEU B 79 -26.37 -1.34 -13.15
CA LEU B 79 -27.59 -2.15 -13.09
C LEU B 79 -28.27 -2.26 -14.46
N GLY B 80 -28.43 -1.14 -15.13
CA GLY B 80 -29.01 -1.12 -16.47
C GLY B 80 -28.28 -1.98 -17.50
N SER B 81 -27.00 -2.26 -17.29
CA SER B 81 -26.24 -3.12 -18.20
C SER B 81 -26.61 -4.57 -18.10
N GLY B 82 -27.15 -4.99 -16.96
CA GLY B 82 -27.35 -6.43 -16.72
C GLY B 82 -26.08 -7.21 -16.31
N LEU B 83 -24.90 -6.57 -16.28
CA LEU B 83 -23.63 -7.26 -16.01
C LEU B 83 -23.49 -7.69 -14.53
N PRO B 84 -23.81 -6.81 -13.56
CA PRO B 84 -23.70 -7.29 -12.17
C PRO B 84 -24.58 -8.52 -11.86
N GLN B 85 -25.81 -8.47 -12.35
CA GLN B 85 -26.76 -9.53 -12.20
C GLN B 85 -26.20 -10.84 -12.77
N LYS B 86 -25.69 -10.80 -14.00
CA LYS B 86 -25.12 -12.00 -14.61
C LYS B 86 -23.91 -12.58 -13.83
N PHE B 87 -23.08 -11.73 -13.24
CA PHE B 87 -21.95 -12.21 -12.50
C PHE B 87 -22.15 -12.41 -10.97
N GLY B 88 -23.41 -12.39 -10.52
CA GLY B 88 -23.77 -12.76 -9.14
C GLY B 88 -23.58 -11.65 -8.14
N CYS B 89 -23.58 -10.43 -8.60
CA CYS B 89 -23.45 -9.27 -7.69
C CYS B 89 -24.84 -8.77 -7.36
N SER B 90 -25.27 -8.84 -6.09
CA SER B 90 -26.57 -8.23 -5.69
C SER B 90 -26.59 -6.69 -5.81
N ASP B 91 -27.78 -6.14 -5.89
CA ASP B 91 -27.98 -4.71 -5.99
C ASP B 91 -27.35 -4.01 -4.80
N GLU B 92 -27.53 -4.58 -3.61
CA GLU B 92 -27.01 -4.00 -2.42
C GLU B 92 -25.46 -4.06 -2.34
N VAL B 93 -24.85 -5.13 -2.81
CA VAL B 93 -23.35 -5.22 -2.76
C VAL B 93 -22.75 -4.17 -3.74
N LEU B 94 -23.39 -4.05 -4.91
CA LEU B 94 -23.05 -3.00 -5.90
C LEU B 94 -23.12 -1.61 -5.31
N LEU B 95 -24.20 -1.27 -4.60
CA LEU B 95 -24.32 0.07 -4.02
C LEU B 95 -23.30 0.34 -2.91
N ASN B 96 -23.10 -0.67 -2.07
CA ASN B 96 -22.06 -0.64 -1.03
C ASN B 96 -20.67 -0.31 -1.62
N PHE B 97 -20.32 -1.05 -2.66
CA PHE B 97 -19.03 -0.89 -3.32
C PHE B 97 -18.89 0.57 -3.84
N ILE B 98 -19.91 1.10 -4.53
CA ILE B 98 -19.91 2.48 -5.05
C ILE B 98 -19.73 3.47 -3.90
N LEU B 99 -20.40 3.24 -2.77
CA LEU B 99 -20.31 4.18 -1.61
C LEU B 99 -19.00 4.04 -0.90
N GLN B 100 -18.43 2.83 -0.85
CA GLN B 100 -17.06 2.72 -0.28
C GLN B 100 -16.00 3.45 -1.14
N CYS B 101 -16.11 3.36 -2.47
CA CYS B 101 -15.22 4.17 -3.37
C CYS B 101 -15.37 5.68 -3.08
N ARG B 102 -16.61 6.15 -2.95
CA ARG B 102 -16.90 7.60 -2.79
C ARG B 102 -16.24 8.15 -1.55
N LYS B 103 -16.30 7.36 -0.48
CA LYS B 103 -15.62 7.70 0.80
C LYS B 103 -14.13 7.95 0.69
N LYS B 104 -13.44 7.31 -0.25
CA LYS B 104 -11.99 7.50 -0.42
C LYS B 104 -11.57 8.53 -1.50
N TYR B 105 -12.52 9.27 -2.08
CA TYR B 105 -12.12 10.42 -2.90
C TYR B 105 -12.04 11.73 -2.07
N ARG B 106 -11.15 12.63 -2.45
CA ARG B 106 -10.92 13.86 -1.70
C ARG B 106 -11.56 15.07 -2.40
N ASN B 107 -11.65 16.15 -1.64
CA ASN B 107 -12.26 17.39 -2.12
C ASN B 107 -11.16 18.17 -2.86
N VAL B 108 -10.77 17.71 -4.06
CA VAL B 108 -9.73 18.38 -4.86
C VAL B 108 -10.43 18.88 -6.15
N PRO B 109 -9.84 19.85 -6.85
CA PRO B 109 -10.55 20.39 -8.02
C PRO B 109 -10.87 19.37 -9.17
N TYR B 110 -9.98 18.42 -9.44
CA TYR B 110 -10.15 17.53 -10.61
C TYR B 110 -10.24 16.01 -10.28
N HIS B 111 -9.21 15.46 -9.60
CA HIS B 111 -9.12 14.02 -9.35
C HIS B 111 -9.98 13.56 -8.13
N ASN B 112 -11.29 13.74 -8.30
CA ASN B 112 -12.29 13.56 -7.28
C ASN B 112 -13.31 12.55 -7.80
N PHE B 113 -14.34 12.25 -7.00
CA PHE B 113 -15.35 11.27 -7.38
C PHE B 113 -16.12 11.58 -8.67
N TYR B 114 -16.26 12.88 -9.01
CA TYR B 114 -16.92 13.27 -10.29
C TYR B 114 -16.07 12.83 -11.50
N HIS B 115 -14.74 12.92 -11.41
CA HIS B 115 -13.84 12.42 -12.47
C HIS B 115 -14.04 10.92 -12.75
N VAL B 116 -14.18 10.11 -11.70
CA VAL B 116 -14.21 8.66 -11.88
C VAL B 116 -15.57 8.21 -12.34
N VAL B 117 -16.63 8.91 -11.91
CA VAL B 117 -17.98 8.62 -12.45
C VAL B 117 -18.01 8.97 -13.95
N ASP B 118 -17.40 10.07 -14.31
CA ASP B 118 -17.28 10.52 -15.71
C ASP B 118 -16.54 9.46 -16.53
N VAL B 119 -15.43 8.93 -15.99
CA VAL B 119 -14.65 7.89 -16.69
C VAL B 119 -15.48 6.62 -16.90
N CYS B 120 -16.22 6.21 -15.87
CA CYS B 120 -17.16 5.12 -15.98
C CYS B 120 -18.21 5.33 -17.09
N GLN B 121 -18.95 6.45 -17.01
CA GLN B 121 -19.97 6.78 -18.04
C GLN B 121 -19.37 6.85 -19.45
N THR B 122 -18.17 7.43 -19.57
CA THR B 122 -17.53 7.55 -20.88
C THR B 122 -17.12 6.14 -21.47
N ILE B 123 -16.52 5.29 -20.65
CA ILE B 123 -16.17 3.95 -21.10
C ILE B 123 -17.46 3.20 -21.51
N HIS B 124 -18.53 3.33 -20.73
CA HIS B 124 -19.83 2.77 -21.17
C HIS B 124 -20.18 3.19 -22.60
N THR B 125 -20.09 4.49 -22.90
CA THR B 125 -20.34 4.94 -24.30
C THR B 125 -19.34 4.35 -25.32
N PHE B 126 -18.04 4.29 -25.00
CA PHE B 126 -17.12 3.65 -25.95
C PHE B 126 -17.49 2.16 -26.20
N LEU B 127 -17.85 1.44 -25.15
CA LEU B 127 -18.23 0.00 -25.31
C LEU B 127 -19.56 -0.19 -26.09
N TYR B 128 -20.61 0.58 -25.76
CA TYR B 128 -21.98 0.30 -26.24
C TYR B 128 -22.45 1.24 -27.41
N ARG B 129 -21.94 2.48 -27.54
CA ARG B 129 -22.20 3.29 -28.76
C ARG B 129 -21.03 3.17 -29.72
N GLY B 130 -19.79 3.05 -29.22
CA GLY B 130 -18.65 2.77 -30.06
C GLY B 130 -18.48 1.32 -30.57
N ASN B 131 -19.29 0.43 -30.02
CA ASN B 131 -19.25 -1.05 -30.26
C ASN B 131 -17.91 -1.79 -29.92
N VAL B 132 -17.12 -1.21 -28.99
CA VAL B 132 -15.89 -1.88 -28.57
C VAL B 132 -16.19 -3.19 -27.78
N TYR B 133 -17.41 -3.32 -27.24
CA TYR B 133 -17.86 -4.56 -26.62
C TYR B 133 -17.68 -5.80 -27.54
N GLU B 134 -17.73 -5.63 -28.85
CA GLU B 134 -17.48 -6.72 -29.79
C GLU B 134 -16.11 -7.32 -29.69
N LYS B 135 -15.12 -6.58 -29.15
CA LYS B 135 -13.73 -7.04 -29.07
C LYS B 135 -13.38 -7.71 -27.72
N LEU B 136 -14.34 -7.67 -26.77
CA LEU B 136 -14.09 -8.03 -25.39
C LEU B 136 -15.17 -9.01 -24.93
N THR B 137 -14.89 -9.76 -23.85
CA THR B 137 -15.96 -10.54 -23.18
C THR B 137 -16.86 -9.68 -22.32
N GLU B 138 -18.03 -10.24 -21.93
CA GLU B 138 -18.92 -9.56 -21.07
C GLU B 138 -18.27 -9.35 -19.69
N LEU B 139 -17.43 -10.28 -19.26
CA LEU B 139 -16.73 -10.14 -17.97
C LEU B 139 -15.69 -8.97 -18.04
N GLU B 140 -14.93 -8.90 -19.12
CA GLU B 140 -13.95 -7.82 -19.34
C GLU B 140 -14.64 -6.42 -19.39
N CYS B 141 -15.86 -6.32 -19.96
CA CYS B 141 -16.65 -5.08 -19.91
C CYS B 141 -17.09 -4.72 -18.49
N PHE B 142 -17.58 -5.70 -17.74
CA PHE B 142 -17.95 -5.50 -16.32
C PHE B 142 -16.76 -5.00 -15.52
N VAL B 143 -15.60 -5.63 -15.72
CA VAL B 143 -14.34 -5.23 -15.03
C VAL B 143 -13.95 -3.79 -15.34
N LEU B 144 -14.05 -3.45 -16.65
CA LEU B 144 -13.71 -2.08 -17.05
C LEU B 144 -14.56 -1.00 -16.35
N LEU B 145 -15.86 -1.24 -16.24
CA LEU B 145 -16.78 -0.26 -15.62
C LEU B 145 -16.51 -0.11 -14.12
N ILE B 146 -16.28 -1.24 -13.47
CA ILE B 146 -15.90 -1.30 -12.04
C ILE B 146 -14.52 -0.62 -11.82
N THR B 147 -13.55 -0.96 -12.64
CA THR B 147 -12.20 -0.39 -12.51
C THR B 147 -12.20 1.15 -12.68
N ALA B 148 -13.09 1.69 -13.54
CA ALA B 148 -13.15 3.11 -13.69
C ALA B 148 -13.31 3.83 -12.33
N LEU B 149 -14.11 3.21 -11.47
CA LEU B 149 -14.50 3.77 -10.22
C LEU B 149 -13.45 3.68 -9.12
N VAL B 150 -12.48 2.75 -9.27
CA VAL B 150 -11.33 2.68 -8.34
C VAL B 150 -10.02 3.32 -8.81
N HIS B 151 -9.94 3.75 -10.09
CA HIS B 151 -8.64 3.98 -10.70
C HIS B 151 -7.81 5.18 -10.13
N ASP B 152 -8.45 6.10 -9.39
CA ASP B 152 -7.76 7.23 -8.77
C ASP B 152 -8.03 7.40 -7.24
N LEU B 153 -8.40 6.32 -6.53
CA LEU B 153 -8.70 6.34 -5.09
C LEU B 153 -7.66 7.08 -4.25
N ASP B 154 -8.16 8.07 -3.48
CA ASP B 154 -7.37 8.84 -2.52
C ASP B 154 -6.28 9.77 -3.17
N HIS B 155 -6.50 10.20 -4.41
CA HIS B 155 -5.65 11.17 -5.08
C HIS B 155 -5.66 12.47 -4.26
N MET B 156 -4.54 13.14 -4.17
CA MET B 156 -4.42 14.40 -3.41
C MET B 156 -4.21 15.66 -4.26
N GLY B 157 -4.24 15.50 -5.55
CA GLY B 157 -4.05 16.59 -6.48
C GLY B 157 -2.61 16.88 -6.77
N LEU B 158 -1.74 15.92 -6.52
CA LEU B 158 -0.34 16.01 -6.77
C LEU B 158 0.02 14.81 -7.62
N ASN B 159 0.92 15.00 -8.58
CA ASN B 159 1.36 13.88 -9.48
C ASN B 159 2.57 13.13 -8.95
N ASN B 160 2.94 12.05 -9.65
CA ASN B 160 4.04 11.19 -9.28
C ASN B 160 5.30 12.00 -9.08
N SER B 161 5.52 12.92 -10.02
CA SER B 161 6.76 13.70 -10.04
C SER B 161 6.93 14.52 -8.75
N PHE B 162 5.84 15.04 -8.19
CA PHE B 162 5.91 15.77 -6.94
C PHE B 162 6.53 14.91 -5.84
N TYR B 163 6.06 13.66 -5.72
CA TYR B 163 6.49 12.77 -4.62
C TYR B 163 7.96 12.38 -4.73
N LEU B 164 8.45 12.25 -5.95
CA LEU B 164 9.84 11.89 -6.17
C LEU B 164 10.79 13.10 -5.92
N LYS B 165 10.43 14.26 -6.50
CA LYS B 165 11.25 15.47 -6.47
C LYS B 165 11.48 15.96 -5.04
N THR B 166 10.43 15.92 -4.22
CA THR B 166 10.49 16.44 -2.87
C THR B 166 10.96 15.42 -1.80
N GLU B 167 11.39 14.22 -2.22
CA GLU B 167 11.73 13.15 -1.31
C GLU B 167 10.68 12.92 -0.21
N SER B 168 9.41 13.02 -0.58
CA SER B 168 8.35 12.69 0.37
C SER B 168 8.44 11.21 0.82
N PRO B 169 7.80 10.88 1.94
CA PRO B 169 7.82 9.46 2.38
C PRO B 169 7.35 8.45 1.31
N LEU B 170 6.29 8.76 0.59
CA LEU B 170 5.75 7.86 -0.45
C LEU B 170 6.70 7.75 -1.65
N GLY B 171 7.38 8.86 -1.97
CA GLY B 171 8.51 8.86 -2.89
C GLY B 171 9.65 7.91 -2.48
N ILE B 172 10.05 8.01 -1.21
CA ILE B 172 11.13 7.14 -0.66
C ILE B 172 10.72 5.67 -0.78
N LEU B 173 9.48 5.34 -0.43
CA LEU B 173 9.04 3.96 -0.47
C LEU B 173 9.06 3.34 -1.93
N SER B 174 8.57 4.09 -2.92
CA SER B 174 8.55 3.68 -4.34
C SER B 174 9.94 3.38 -4.86
N SER B 175 10.85 4.24 -4.44
CA SER B 175 12.21 4.17 -4.83
C SER B 175 12.84 2.93 -4.19
N ALA B 176 12.74 2.83 -2.88
CA ALA B 176 13.22 1.61 -2.19
C ALA B 176 12.55 0.35 -2.77
N SER B 177 11.28 0.40 -3.17
CA SER B 177 10.59 -0.77 -3.79
C SER B 177 10.96 -1.12 -5.22
N GLY B 178 11.37 -0.17 -6.06
CA GLY B 178 11.46 -0.43 -7.49
C GLY B 178 10.48 0.32 -8.41
N ASN B 179 9.19 0.35 -8.09
CA ASN B 179 8.20 0.97 -9.00
C ASN B 179 8.04 2.50 -8.86
N THR B 180 8.26 3.25 -9.97
CA THR B 180 7.99 4.75 -10.01
C THR B 180 6.51 5.24 -10.16
N SER B 181 5.59 4.30 -10.38
CA SER B 181 4.15 4.56 -10.39
C SER B 181 3.60 4.66 -8.98
N VAL B 182 3.97 5.73 -8.29
CA VAL B 182 3.71 5.96 -6.88
C VAL B 182 2.19 5.93 -6.59
N LEU B 183 1.43 6.77 -7.30
CA LEU B 183 -0.01 6.83 -7.07
C LEU B 183 -0.75 5.61 -7.51
N GLU B 184 -0.33 5.04 -8.64
CA GLU B 184 -1.11 3.98 -9.27
C GLU B 184 -1.06 2.68 -8.41
N VAL B 185 0.11 2.41 -7.81
CA VAL B 185 0.23 1.29 -6.83
C VAL B 185 -0.65 1.54 -5.59
N HIS B 186 -0.65 2.78 -5.11
CA HIS B 186 -1.52 3.17 -4.00
C HIS B 186 -3.02 2.98 -4.33
N HIS B 187 -3.46 3.41 -5.53
CA HIS B 187 -4.89 3.26 -5.92
C HIS B 187 -5.21 1.72 -5.95
N CYS B 188 -4.30 0.90 -6.47
CA CYS B 188 -4.56 -0.56 -6.50
C CYS B 188 -4.69 -1.18 -5.09
N ASN B 189 -3.85 -0.72 -4.15
CA ASN B 189 -3.88 -1.18 -2.71
C ASN B 189 -5.22 -0.94 -2.07
N LEU B 190 -5.75 0.27 -2.32
CA LEU B 190 -7.07 0.64 -1.83
C LEU B 190 -8.24 -0.11 -2.52
N ALA B 191 -8.12 -0.35 -3.83
CA ALA B 191 -9.12 -1.19 -4.52
C ALA B 191 -9.15 -2.61 -3.89
N VAL B 192 -8.00 -3.19 -3.64
CA VAL B 192 -7.94 -4.54 -3.01
C VAL B 192 -8.55 -4.55 -1.59
N GLU B 193 -8.31 -3.48 -0.83
CA GLU B 193 -9.00 -3.30 0.47
C GLU B 193 -10.52 -3.30 0.42
N ILE B 194 -11.09 -2.45 -0.41
CA ILE B 194 -12.57 -2.45 -0.53
C ILE B 194 -13.14 -3.83 -0.90
N LEU B 195 -12.45 -4.50 -1.84
CA LEU B 195 -12.88 -5.81 -2.33
C LEU B 195 -12.61 -6.99 -1.35
N SER B 196 -11.82 -6.77 -0.32
CA SER B 196 -11.57 -7.80 0.69
C SER B 196 -12.75 -8.02 1.62
N ASP B 197 -13.71 -7.11 1.65
CA ASP B 197 -14.94 -7.31 2.42
C ASP B 197 -16.04 -7.88 1.53
N PRO B 198 -16.61 -9.07 1.85
CA PRO B 198 -17.68 -9.59 0.96
C PRO B 198 -18.88 -8.65 0.73
N GLU B 199 -19.13 -7.77 1.67
CA GLU B 199 -20.29 -6.85 1.65
C GLU B 199 -20.14 -5.73 0.59
N SER B 200 -18.88 -5.46 0.17
CA SER B 200 -18.55 -4.54 -0.93
C SER B 200 -17.75 -5.19 -2.06
N ASP B 201 -17.77 -6.52 -2.18
CA ASP B 201 -17.00 -7.25 -3.21
C ASP B 201 -17.88 -7.59 -4.43
N VAL B 202 -17.81 -6.75 -5.47
CA VAL B 202 -18.55 -6.98 -6.71
C VAL B 202 -18.04 -8.17 -7.53
N PHE B 203 -16.91 -8.78 -7.15
CA PHE B 203 -16.44 -10.00 -7.79
C PHE B 203 -16.64 -11.27 -6.94
N ASP B 204 -17.45 -11.19 -5.86
CA ASP B 204 -17.68 -12.33 -4.90
C ASP B 204 -18.47 -13.44 -5.51
N GLY B 205 -19.24 -13.15 -6.56
CA GLY B 205 -19.94 -14.19 -7.32
C GLY B 205 -19.14 -14.91 -8.34
N LEU B 206 -17.88 -14.51 -8.56
CA LEU B 206 -16.99 -15.21 -9.51
C LEU B 206 -16.16 -16.26 -8.75
N GLU B 207 -15.70 -17.29 -9.45
CA GLU B 207 -14.80 -18.26 -8.84
C GLU B 207 -13.68 -18.60 -9.79
N GLY B 208 -12.63 -19.22 -9.26
CA GLY B 208 -11.56 -19.79 -10.08
C GLY B 208 -10.85 -18.80 -11.00
N ALA B 209 -10.71 -19.22 -12.25
CA ALA B 209 -10.03 -18.45 -13.28
C ALA B 209 -10.73 -17.13 -13.60
N GLU B 210 -12.07 -17.10 -13.51
CA GLU B 210 -12.79 -15.84 -13.71
C GLU B 210 -12.45 -14.81 -12.65
N ARG B 211 -12.36 -15.25 -11.40
CA ARG B 211 -12.08 -14.33 -10.30
C ARG B 211 -10.65 -13.81 -10.42
N THR B 212 -9.74 -14.68 -10.85
CA THR B 212 -8.30 -14.33 -11.00
C THR B 212 -8.11 -13.32 -12.16
N LEU B 213 -8.80 -13.57 -13.26
CA LEU B 213 -8.78 -12.62 -14.38
C LEU B 213 -9.30 -11.23 -13.97
N ALA B 214 -10.42 -11.16 -13.24
CA ALA B 214 -11.01 -9.90 -12.77
C ALA B 214 -10.00 -9.05 -11.99
N PHE B 215 -9.34 -9.68 -10.99
CA PHE B 215 -8.31 -8.98 -10.17
C PHE B 215 -7.09 -8.59 -10.97
N ARG B 216 -6.61 -9.50 -11.80
CA ARG B 216 -5.35 -9.21 -12.52
C ARG B 216 -5.56 -8.12 -13.60
N SER B 217 -6.70 -8.18 -14.28
CA SER B 217 -7.00 -7.24 -15.38
C SER B 217 -7.27 -5.87 -14.78
N MET B 218 -8.04 -5.81 -13.69
CA MET B 218 -8.22 -4.52 -12.92
C MET B 218 -6.89 -3.81 -12.61
N ILE B 219 -6.00 -4.56 -11.96
CA ILE B 219 -4.65 -4.11 -11.58
C ILE B 219 -3.81 -3.68 -12.78
N ASP B 220 -3.76 -4.49 -13.83
CA ASP B 220 -3.00 -4.12 -15.01
C ASP B 220 -3.54 -2.79 -15.62
N CYS B 221 -4.86 -2.64 -15.66
CA CYS B 221 -5.48 -1.40 -16.20
C CYS B 221 -5.11 -0.18 -15.34
N VAL B 222 -5.23 -0.27 -14.01
CA VAL B 222 -4.89 0.90 -13.19
C VAL B 222 -3.42 1.28 -13.37
N LEU B 223 -2.52 0.29 -13.32
CA LEU B 223 -1.10 0.55 -13.50
C LEU B 223 -0.76 1.21 -14.87
N ALA B 224 -1.52 0.85 -15.91
CA ALA B 224 -1.35 1.42 -17.23
C ALA B 224 -1.82 2.90 -17.37
N THR B 225 -2.48 3.48 -16.37
CA THR B 225 -2.85 4.92 -16.41
C THR B 225 -1.74 5.91 -16.10
N ASP B 226 -0.56 5.44 -15.70
CA ASP B 226 0.60 6.29 -15.43
C ASP B 226 1.09 6.84 -16.75
N MET B 227 0.99 8.16 -16.97
CA MET B 227 1.40 8.72 -18.30
C MET B 227 2.88 8.51 -18.73
N ALA B 228 3.78 8.17 -17.80
CA ALA B 228 5.15 7.75 -18.17
C ALA B 228 5.19 6.47 -19.03
N LYS B 229 4.10 5.75 -19.07
CA LYS B 229 4.02 4.57 -19.85
C LYS B 229 3.14 4.71 -21.05
N HIS B 230 2.77 5.92 -21.39
CA HIS B 230 1.78 6.17 -22.47
C HIS B 230 2.21 5.59 -23.80
N GLY B 231 3.43 5.96 -24.24
CA GLY B 231 4.00 5.50 -25.52
C GLY B 231 4.13 3.99 -25.63
N SER B 232 4.62 3.33 -24.61
CA SER B 232 4.73 1.88 -24.67
C SER B 232 3.40 1.16 -24.66
N ALA B 233 2.42 1.64 -23.90
CA ALA B 233 1.13 1.01 -23.90
C ALA B 233 0.52 1.14 -25.28
N LEU B 234 0.60 2.32 -25.87
CA LEU B 234 0.05 2.54 -27.18
C LEU B 234 0.72 1.60 -28.23
N GLU B 235 2.04 1.52 -28.23
CA GLU B 235 2.77 0.63 -29.17
C GLU B 235 2.40 -0.84 -29.00
N ALA B 236 2.27 -1.29 -27.76
CA ALA B 236 1.89 -2.64 -27.49
C ALA B 236 0.50 -2.93 -28.04
N PHE B 237 -0.45 -2.04 -27.80
CA PHE B 237 -1.79 -2.22 -28.37
C PHE B 237 -1.81 -2.29 -29.92
N LEU B 238 -1.07 -1.40 -30.60
CA LEU B 238 -1.06 -1.37 -32.07
C LEU B 238 -0.43 -2.68 -32.66
N ALA B 239 0.66 -3.14 -32.06
CA ALA B 239 1.27 -4.43 -32.47
C ALA B 239 0.30 -5.58 -32.26
N SER B 240 -0.38 -5.64 -31.09
CA SER B 240 -1.35 -6.67 -30.87
C SER B 240 -2.58 -6.55 -31.81
N ALA B 241 -3.00 -5.33 -32.15
CA ALA B 241 -4.19 -5.18 -33.01
C ALA B 241 -3.96 -5.68 -34.46
N ALA B 242 -2.73 -5.51 -34.92
CA ALA B 242 -2.28 -5.93 -36.26
C ALA B 242 -2.12 -7.46 -36.39
N ASP B 243 -2.10 -8.18 -35.27
CA ASP B 243 -1.95 -9.66 -35.30
C ASP B 243 -2.68 -10.29 -34.10
N GLN B 244 -3.99 -10.16 -34.13
CA GLN B 244 -4.84 -10.56 -32.99
C GLN B 244 -4.79 -12.08 -32.68
N SER B 245 -5.04 -12.91 -33.71
CA SER B 245 -5.13 -14.41 -33.54
C SER B 245 -3.85 -15.04 -33.03
N SER B 246 -2.69 -14.46 -33.27
CA SER B 246 -1.51 -15.12 -32.77
C SER B 246 -1.23 -14.81 -31.30
N ASP B 247 -2.00 -13.89 -30.66
CA ASP B 247 -2.00 -13.87 -29.20
C ASP B 247 -3.20 -13.10 -28.64
N GLU B 248 -4.32 -13.81 -28.55
CA GLU B 248 -5.56 -13.21 -28.16
C GLU B 248 -5.62 -12.71 -26.70
N ALA B 249 -5.04 -13.46 -25.76
CA ALA B 249 -4.92 -13.01 -24.36
C ALA B 249 -4.30 -11.59 -24.26
N ALA B 250 -3.18 -11.39 -24.98
CA ALA B 250 -2.49 -10.09 -25.01
C ALA B 250 -3.33 -9.00 -25.69
N PHE B 251 -3.98 -9.33 -26.82
CA PHE B 251 -4.87 -8.40 -27.48
C PHE B 251 -6.04 -7.94 -26.56
N HIS B 252 -6.66 -8.88 -25.85
CA HIS B 252 -7.81 -8.57 -25.01
C HIS B 252 -7.32 -7.69 -23.84
N ARG B 253 -6.16 -8.01 -23.27
CA ARG B 253 -5.63 -7.25 -22.13
C ARG B 253 -5.22 -5.81 -22.56
N MET B 254 -4.55 -5.70 -23.69
CA MET B 254 -4.14 -4.44 -24.22
C MET B 254 -5.36 -3.56 -24.58
N THR B 255 -6.40 -4.14 -25.15
CA THR B 255 -7.62 -3.39 -25.43
C THR B 255 -8.27 -2.80 -24.14
N MET B 256 -8.25 -3.60 -23.07
CA MET B 256 -8.76 -3.14 -21.78
C MET B 256 -7.91 -1.95 -21.25
N GLU B 257 -6.59 -2.10 -21.33
CA GLU B 257 -5.67 -1.04 -20.92
C GLU B 257 -5.89 0.27 -21.72
N ILE B 258 -5.99 0.15 -23.02
CA ILE B 258 -6.24 1.25 -23.93
C ILE B 258 -7.60 1.93 -23.76
N ILE B 259 -8.65 1.19 -23.42
CA ILE B 259 -9.97 1.78 -23.16
C ILE B 259 -10.00 2.54 -21.82
N LEU B 260 -9.33 2.05 -20.77
CA LEU B 260 -9.27 2.83 -19.54
C LEU B 260 -8.43 4.08 -19.76
N LYS B 261 -7.31 3.95 -20.45
CA LYS B 261 -6.50 5.13 -20.81
C LYS B 261 -7.31 6.17 -21.63
N ALA B 262 -8.11 5.69 -22.59
CA ALA B 262 -8.97 6.54 -23.45
C ALA B 262 -10.02 7.30 -22.66
N GLY B 263 -10.71 6.58 -21.78
CA GLY B 263 -11.63 7.22 -20.83
C GLY B 263 -10.96 8.28 -19.96
N ASP B 264 -9.76 7.96 -19.48
CA ASP B 264 -8.97 8.85 -18.60
C ASP B 264 -8.54 10.20 -19.20
N ILE B 265 -8.31 10.25 -20.52
CA ILE B 265 -8.00 11.47 -21.25
C ILE B 265 -9.13 11.86 -22.24
N SER B 266 -10.38 11.49 -21.94
CA SER B 266 -11.51 11.69 -22.85
C SER B 266 -12.15 13.11 -22.80
N ASN B 267 -11.69 14.00 -21.91
CA ASN B 267 -12.31 15.32 -21.75
C ASN B 267 -12.35 16.11 -23.07
N VAL B 268 -11.30 16.02 -23.88
CA VAL B 268 -11.24 16.69 -25.18
C VAL B 268 -12.13 16.09 -26.26
N THR B 269 -12.80 14.97 -25.97
CA THR B 269 -13.77 14.33 -26.85
C THR B 269 -15.23 14.74 -26.57
N LYS B 270 -15.45 15.67 -25.64
CA LYS B 270 -16.83 16.06 -25.25
C LYS B 270 -17.30 17.38 -25.90
N PRO B 271 -18.65 17.65 -25.89
CA PRO B 271 -19.17 19.00 -26.31
C PRO B 271 -18.33 20.08 -25.64
N PHE B 272 -17.98 21.12 -26.38
CA PHE B 272 -16.96 22.10 -25.99
C PHE B 272 -17.07 22.67 -24.56
N ASP B 273 -18.29 22.99 -24.13
CA ASP B 273 -18.45 23.65 -22.81
C ASP B 273 -18.13 22.68 -21.66
N ILE B 274 -18.51 21.41 -21.87
CA ILE B 274 -18.10 20.28 -20.95
C ILE B 274 -16.57 20.14 -20.94
N SER B 275 -15.97 20.04 -22.13
CA SER B 275 -14.53 19.97 -22.28
C SER B 275 -13.79 21.11 -21.57
N ARG B 276 -14.35 22.31 -21.69
CA ARG B 276 -13.75 23.51 -21.09
C ARG B 276 -13.80 23.52 -19.55
N GLN B 277 -14.93 23.15 -18.97
CA GLN B 277 -15.05 23.07 -17.53
C GLN B 277 -14.04 22.04 -16.93
N TRP B 278 -13.81 20.92 -17.61
CA TRP B 278 -12.79 19.95 -17.15
C TRP B 278 -11.40 20.53 -17.19
N ALA B 279 -11.09 21.29 -18.24
CA ALA B 279 -9.79 21.93 -18.41
C ALA B 279 -9.47 23.05 -17.36
N MET B 280 -10.44 23.84 -17.02
CA MET B 280 -10.31 24.80 -15.91
C MET B 280 -9.98 24.07 -14.59
N ALA B 281 -10.66 22.98 -14.32
CA ALA B 281 -10.46 22.19 -13.12
C ALA B 281 -9.07 21.54 -13.02
N VAL B 282 -8.61 20.90 -14.06
CA VAL B 282 -7.28 20.29 -14.04
C VAL B 282 -6.17 21.35 -13.96
N THR B 283 -6.39 22.48 -14.59
CA THR B 283 -5.49 23.60 -14.58
C THR B 283 -5.33 24.17 -13.15
N GLU B 284 -6.42 24.29 -12.41
CA GLU B 284 -6.38 24.75 -11.00
C GLU B 284 -5.57 23.80 -10.09
N GLU B 285 -5.70 22.49 -10.33
CA GLU B 285 -4.94 21.49 -9.60
C GLU B 285 -3.43 21.64 -9.93
N PHE B 286 -3.08 21.80 -11.20
CA PHE B 286 -1.67 22.02 -11.54
C PHE B 286 -1.07 23.27 -10.84
N TYR B 287 -1.86 24.33 -10.76
CA TYR B 287 -1.39 25.55 -10.12
C TYR B 287 -1.20 25.36 -8.60
N ARG B 288 -2.11 24.64 -7.95
CA ARG B 288 -2.00 24.34 -6.55
C ARG B 288 -0.73 23.47 -6.23
N GLN B 289 -0.40 22.52 -7.09
CA GLN B 289 0.86 21.76 -6.96
C GLN B 289 2.09 22.67 -7.11
N GLY B 290 2.05 23.62 -8.06
CA GLY B 290 3.21 24.46 -8.34
C GLY B 290 3.51 25.40 -7.17
N ASP B 291 2.44 25.93 -6.56
CA ASP B 291 2.50 26.70 -5.29
C ASP B 291 3.17 25.91 -4.16
N MET B 292 2.73 24.67 -3.94
CA MET B 292 3.39 23.78 -2.98
C MET B 292 4.85 23.44 -3.32
N GLU B 293 5.21 23.37 -4.59
CA GLU B 293 6.61 23.20 -4.97
C GLU B 293 7.48 24.46 -4.61
N LYS B 294 6.91 25.65 -4.80
CA LYS B 294 7.59 26.91 -4.42
C LYS B 294 7.87 26.98 -2.90
N GLU B 295 6.87 26.72 -2.05
CA GLU B 295 7.04 26.58 -0.59
C GLU B 295 8.21 25.66 -0.20
N ARG B 296 8.39 24.55 -0.96
CA ARG B 296 9.45 23.56 -0.72
C ARG B 296 10.75 23.87 -1.43
N GLY B 297 10.81 24.94 -2.22
CA GLY B 297 12.03 25.27 -2.93
C GLY B 297 12.44 24.32 -4.03
N VAL B 298 11.50 23.61 -4.68
CA VAL B 298 11.88 22.69 -5.80
C VAL B 298 11.50 23.33 -7.14
N GLU B 299 12.03 22.74 -8.20
CA GLU B 299 11.73 23.10 -9.58
C GLU B 299 10.22 23.04 -9.90
N VAL B 300 9.68 24.17 -10.38
CA VAL B 300 8.28 24.32 -10.81
C VAL B 300 8.23 24.41 -12.33
N LEU B 301 7.70 23.38 -12.99
CA LEU B 301 7.55 23.43 -14.46
C LEU B 301 6.60 24.57 -14.95
N PRO B 302 6.85 25.10 -16.15
CA PRO B 302 6.00 26.21 -16.63
C PRO B 302 4.48 26.03 -16.53
N MET B 303 3.98 24.86 -16.97
CA MET B 303 2.56 24.51 -16.89
C MET B 303 1.95 24.66 -15.46
N PHE B 304 2.80 24.53 -14.43
CA PHE B 304 2.36 24.55 -13.03
C PHE B 304 2.55 25.90 -12.37
N ASP B 305 3.18 26.83 -13.11
CA ASP B 305 3.51 28.18 -12.63
C ASP B 305 2.36 29.19 -12.78
N ARG B 306 1.72 29.44 -11.65
CA ARG B 306 0.59 30.37 -11.52
C ARG B 306 0.97 31.83 -11.87
N SER B 307 2.27 32.15 -11.80
CA SER B 307 2.75 33.49 -12.12
C SER B 307 2.86 33.75 -13.60
N LYS B 308 3.30 32.77 -14.39
CA LYS B 308 3.28 32.94 -15.85
C LYS B 308 1.82 33.03 -16.37
N ASN B 309 1.60 33.51 -17.59
CA ASN B 309 0.21 33.71 -18.06
C ASN B 309 -0.63 32.42 -18.23
N MET B 310 0.03 31.30 -18.62
CA MET B 310 -0.58 30.18 -19.41
C MET B 310 -2.02 30.46 -19.80
N GLU B 311 -2.18 30.95 -21.01
CA GLU B 311 -3.42 30.88 -21.71
C GLU B 311 -3.92 29.39 -21.83
N LEU B 312 -5.13 29.17 -21.30
CA LEU B 312 -5.77 27.88 -21.33
C LEU B 312 -5.85 27.35 -22.77
N ALA B 313 -6.19 28.24 -23.73
CA ALA B 313 -6.29 27.79 -25.10
C ALA B 313 -4.99 27.15 -25.61
N LYS B 314 -3.83 27.74 -25.29
CA LYS B 314 -2.53 27.20 -25.76
C LYS B 314 -2.23 25.85 -25.13
N GLY B 315 -2.57 25.72 -23.86
CA GLY B 315 -2.41 24.49 -23.14
C GLY B 315 -3.28 23.35 -23.71
N GLN B 316 -4.57 23.63 -23.99
CA GLN B 316 -5.44 22.62 -24.61
C GLN B 316 -5.00 22.25 -26.02
N ILE B 317 -4.59 23.23 -26.82
CA ILE B 317 -4.07 22.92 -28.14
C ILE B 317 -2.79 22.04 -28.03
N GLY B 318 -1.85 22.36 -27.11
CA GLY B 318 -0.63 21.51 -26.90
C GLY B 318 -0.97 20.05 -26.50
N PHE B 319 -1.94 19.89 -25.58
CA PHE B 319 -2.40 18.60 -25.16
C PHE B 319 -3.04 17.81 -26.30
N ILE B 320 -3.92 18.49 -27.06
CA ILE B 320 -4.50 17.90 -28.26
C ILE B 320 -3.43 17.47 -29.27
N ASP B 321 -2.44 18.32 -29.58
CA ASP B 321 -1.52 17.99 -30.72
C ASP B 321 -0.48 16.93 -30.37
N PHE B 322 0.02 16.98 -29.15
CA PHE B 322 1.07 16.06 -28.71
C PHE B 322 0.59 14.80 -28.00
N VAL B 323 -0.64 14.76 -27.44
CA VAL B 323 -1.10 13.56 -26.77
C VAL B 323 -2.40 13.02 -27.38
N ALA B 324 -3.51 13.78 -27.27
CA ALA B 324 -4.82 13.22 -27.52
C ALA B 324 -5.17 12.92 -28.97
N ALA B 325 -4.90 13.84 -29.90
CA ALA B 325 -5.24 13.56 -31.31
C ALA B 325 -4.49 12.34 -31.90
N PRO B 326 -3.16 12.24 -31.73
CA PRO B 326 -2.46 11.03 -32.23
C PRO B 326 -2.96 9.70 -31.57
N PHE B 327 -3.30 9.77 -30.29
CA PHE B 327 -3.77 8.61 -29.55
C PHE B 327 -5.10 8.13 -30.15
N PHE B 328 -6.11 9.00 -30.16
CA PHE B 328 -7.41 8.60 -30.67
C PHE B 328 -7.40 8.21 -32.14
N GLN B 329 -6.62 8.93 -32.94
CA GLN B 329 -6.62 8.66 -34.41
C GLN B 329 -5.98 7.28 -34.71
N LYS B 330 -4.86 6.99 -34.04
CA LYS B 330 -4.26 5.65 -34.20
C LYS B 330 -5.10 4.47 -33.76
N ILE B 331 -5.72 4.56 -32.58
CA ILE B 331 -6.53 3.45 -32.09
C ILE B 331 -7.75 3.22 -32.96
N VAL B 332 -8.34 4.31 -33.47
CA VAL B 332 -9.50 4.25 -34.37
C VAL B 332 -9.09 3.61 -35.72
N ASP B 333 -7.95 4.03 -36.28
CA ASP B 333 -7.47 3.49 -37.56
C ASP B 333 -7.04 2.07 -37.42
N ALA B 334 -6.43 1.70 -36.29
CA ALA B 334 -5.91 0.36 -36.13
C ALA B 334 -7.04 -0.67 -35.98
N CYS B 335 -8.22 -0.26 -35.47
CA CYS B 335 -9.10 -1.24 -34.89
C CYS B 335 -10.49 -0.72 -34.48
N LEU B 336 -10.52 0.37 -33.71
CA LEU B 336 -11.73 0.87 -33.06
C LEU B 336 -12.52 1.88 -33.92
N GLN B 337 -12.98 1.39 -35.07
CA GLN B 337 -13.68 2.23 -36.07
C GLN B 337 -14.91 2.91 -35.53
N GLY B 338 -15.64 2.22 -34.68
CA GLY B 338 -16.87 2.74 -34.12
C GLY B 338 -16.71 3.95 -33.21
N MET B 339 -15.49 4.26 -32.82
CA MET B 339 -15.16 5.44 -31.98
C MET B 339 -14.74 6.66 -32.82
N GLN B 340 -15.01 6.66 -34.12
CA GLN B 340 -14.69 7.81 -35.00
C GLN B 340 -15.16 9.21 -34.49
N TRP B 341 -16.33 9.28 -33.85
CA TRP B 341 -16.82 10.54 -33.26
C TRP B 341 -15.80 11.21 -32.32
N THR B 342 -14.98 10.43 -31.62
CA THR B 342 -13.98 11.03 -30.77
C THR B 342 -13.02 11.94 -31.52
N VAL B 343 -12.50 11.44 -32.66
CA VAL B 343 -11.56 12.15 -33.54
C VAL B 343 -12.23 13.44 -34.10
N ASP B 344 -13.50 13.31 -34.52
CA ASP B 344 -14.25 14.46 -35.13
C ASP B 344 -14.46 15.58 -34.05
N ARG B 345 -14.81 15.17 -32.82
CA ARG B 345 -14.97 16.11 -31.76
C ARG B 345 -13.64 16.76 -31.30
N ILE B 346 -12.54 15.98 -31.25
CA ILE B 346 -11.28 16.59 -30.91
C ILE B 346 -10.95 17.71 -31.94
N LYS B 347 -11.15 17.47 -33.23
CA LYS B 347 -10.93 18.48 -34.29
C LYS B 347 -11.74 19.75 -34.11
N SER B 348 -13.02 19.61 -33.76
CA SER B 348 -13.85 20.79 -33.66
C SER B 348 -13.57 21.57 -32.37
N ASN B 349 -13.18 20.89 -31.29
CA ASN B 349 -12.71 21.59 -30.05
C ASN B 349 -11.39 22.30 -30.29
N ARG B 350 -10.46 21.64 -30.99
CA ARG B 350 -9.24 22.30 -31.33
C ARG B 350 -9.49 23.65 -32.13
N ALA B 351 -10.37 23.57 -33.15
CA ALA B 351 -10.80 24.75 -33.95
C ALA B 351 -11.40 25.89 -33.07
N GLN B 352 -12.19 25.54 -32.08
CA GLN B 352 -12.75 26.54 -31.13
C GLN B 352 -11.63 27.19 -30.31
N TRP B 353 -10.69 26.40 -29.79
CA TRP B 353 -9.55 26.98 -29.03
C TRP B 353 -8.68 27.90 -29.92
N GLU B 354 -8.49 27.56 -31.19
CA GLU B 354 -7.77 28.36 -32.17
C GLU B 354 -8.45 29.74 -32.35
N ARG B 355 -9.77 29.77 -32.46
CA ARG B 355 -10.59 30.98 -32.59
C ARG B 355 -10.45 31.89 -31.37
N VAL B 356 -10.40 31.31 -30.19
CA VAL B 356 -10.17 32.03 -28.95
C VAL B 356 -8.84 32.77 -29.11
N LEU B 357 -7.80 32.08 -29.52
CA LEU B 357 -6.49 32.77 -29.74
C LEU B 357 -6.52 33.83 -30.84
N GLU B 358 -7.18 33.54 -31.97
CA GLU B 358 -7.14 34.46 -33.11
C GLU B 358 -7.91 35.73 -32.85
N THR B 359 -8.80 35.73 -31.86
CA THR B 359 -9.65 36.94 -31.56
C THR B 359 -9.10 37.77 -30.40
N ARG B 360 -8.05 37.27 -29.75
CA ARG B 360 -7.40 38.03 -28.69
C ARG B 360 -6.79 39.40 -29.15
#